data_8CZQ
#
_entry.id   8CZQ
#
_cell.length_a   92.501
_cell.length_b   98.632
_cell.length_c   104.090
_cell.angle_alpha   90.000
_cell.angle_beta   90.000
_cell.angle_gamma   90.000
#
_symmetry.space_group_name_H-M   'P 21 21 2'
#
loop_
_entity.id
_entity.type
_entity.pdbx_description
1 polymer 'DNA topoisomerase 1'
2 polymer "DNA (5'-D(*CP*TP*TP*CP*CP*GP*CP*TP*TP*GP*AP*C)-3')"
3 non-polymer GLYCEROL
4 non-polymer 'ACETATE ION'
5 non-polymer 'PHOSPHATE ION'
#
loop_
_entity_poly.entity_id
_entity_poly.type
_entity_poly.pdbx_seq_one_letter_code
_entity_poly.pdbx_strand_id
1 'polypeptide(L)'
;SNAADPKTKGRGSGGNGSGRRLVIVESPTKARKLASYLGSGYIVESSRGHIRDLPRAASDVPAKYKSQPWARLGVNVDAD
FEPLYIISPEKRSTVSELRGLLKDVDELYLATDGDREGEAIAWHLLETLKPRIPVKRMVFHEITEPAIRAAAEHPRDLDI
DLVDAQETRRILDRLYGYEVSPVLWKKVAPKLSAGRVQSVATRIIVARERDRMAFRSAAYWDILAKLDASVSDPDAAPPT
FSARLTAVAGRRVATGRDFDSLGTLRKGDEVIVLDEGSATALAAGLDGTQLTVASAEEKPYARRPYPPFMTSTLQQEASR
KLRFSAERTMSIAQRLYENGYITYMRTDSTTLSESAINAARTQARQLYGDEYVAPAPRQYTRKVKNAQEAHEAIRPAGET
FATPDAVRRELDGPNIDDFRLYELIWQRTVASQMADARGMTLSLRITGMSGHQEVVFSATGRTLTFPGFLKAYVETVDEL
VGGEADDAERRLPHLTPGQRLDIVELTPDGHATNPPARYTEASLVKALEELGIGRPSTYSSIIKTIQDRGYVHKKGSALV
PSWVAFAVTGLLEQHFGRLVDYDFTAAMEDELDEIAAGNERRTNWLNNFYFGGDHGVPDSVARSGGLKKLVGINLEGIDA
REVNSIKLFDDTHGRPIYVRVGKNGPYLERLVAGDTGEPTPQRANLSDSITPDELTLQVAEELFAT
;
A
2 'polydeoxyribonucleotide' (DC)(DT)(DT)(DC)(DC)(DG)(DC)(DT)(DT)(DG)(DA)(DC) B,C,D
#
loop_
_chem_comp.id
_chem_comp.type
_chem_comp.name
_chem_comp.formula
ACT non-polymer 'ACETATE ION' 'C2 H3 O2 -1'
DA DNA linking 2'-DEOXYADENOSINE-5'-MONOPHOSPHATE 'C10 H14 N5 O6 P'
DC DNA linking 2'-DEOXYCYTIDINE-5'-MONOPHOSPHATE 'C9 H14 N3 O7 P'
DG DNA linking 2'-DEOXYGUANOSINE-5'-MONOPHOSPHATE 'C10 H14 N5 O7 P'
DT DNA linking THYMIDINE-5'-MONOPHOSPHATE 'C10 H15 N2 O8 P'
GOL non-polymer GLYCEROL 'C3 H8 O3'
PO4 non-polymer 'PHOSPHATE ION' 'O4 P -3'
#
# COMPACT_ATOMS: atom_id res chain seq x y z
N SER A 18 28.12 -24.14 32.47
CA SER A 18 28.54 -22.79 32.14
C SER A 18 29.00 -22.70 30.70
N GLY A 19 29.45 -21.51 30.29
CA GLY A 19 29.96 -21.32 28.94
C GLY A 19 28.89 -21.32 27.87
N ARG A 20 27.66 -20.94 28.21
CA ARG A 20 26.57 -20.86 27.25
C ARG A 20 26.15 -19.41 27.04
N ARG A 21 25.63 -19.13 25.85
CA ARG A 21 25.21 -17.80 25.48
C ARG A 21 23.75 -17.79 25.06
N LEU A 22 23.09 -16.66 25.30
CA LEU A 22 21.69 -16.47 24.92
C LEU A 22 21.63 -15.42 23.82
N VAL A 23 21.18 -15.82 22.64
CA VAL A 23 21.03 -14.93 21.50
C VAL A 23 19.55 -14.63 21.32
N ILE A 24 19.21 -13.34 21.24
CA ILE A 24 17.82 -12.90 21.12
C ILE A 24 17.65 -12.22 19.77
N VAL A 25 16.64 -12.65 19.03
CA VAL A 25 16.34 -12.14 17.70
C VAL A 25 14.90 -11.63 17.70
N GLU A 26 14.56 -10.84 16.68
CA GLU A 26 13.20 -10.30 16.57
C GLU A 26 12.20 -11.41 16.25
N SER A 27 12.52 -12.26 15.27
CA SER A 27 11.48 -13.13 14.76
C SER A 27 11.70 -14.58 15.20
N PRO A 28 10.62 -15.30 15.50
CA PRO A 28 10.76 -16.73 15.82
C PRO A 28 11.35 -17.55 14.69
N THR A 29 11.12 -17.16 13.43
CA THR A 29 11.67 -17.90 12.31
C THR A 29 13.18 -17.81 12.27
N LYS A 30 13.72 -16.58 12.35
CA LYS A 30 15.17 -16.41 12.42
C LYS A 30 15.73 -17.10 13.64
N ALA A 31 15.00 -17.06 14.76
CA ALA A 31 15.44 -17.76 15.96
C ALA A 31 15.63 -19.25 15.71
N ARG A 32 14.69 -19.87 14.98
CA ARG A 32 14.79 -21.29 14.70
C ARG A 32 15.94 -21.58 13.72
N LYS A 33 16.03 -20.79 12.65
CA LYS A 33 17.08 -21.02 11.66
C LYS A 33 18.47 -20.77 12.24
N LEU A 34 18.61 -19.70 13.04
CA LEU A 34 19.89 -19.44 13.68
C LEU A 34 20.26 -20.52 14.69
N ALA A 35 19.28 -21.01 15.44
CA ALA A 35 19.54 -22.09 16.39
C ALA A 35 20.03 -23.34 15.69
N SER A 36 19.64 -23.54 14.42
CA SER A 36 20.09 -24.71 13.69
C SER A 36 21.54 -24.59 13.27
N TYR A 37 22.04 -23.37 13.10
CA TYR A 37 23.42 -23.16 12.67
C TYR A 37 24.42 -23.06 13.82
N LEU A 38 23.94 -22.85 15.05
CA LEU A 38 24.82 -22.66 16.20
C LEU A 38 25.03 -23.91 17.02
N GLY A 39 23.97 -24.69 17.27
CA GLY A 39 24.10 -25.88 18.08
C GLY A 39 24.19 -25.57 19.56
N SER A 40 24.76 -26.51 20.30
CA SER A 40 24.90 -26.36 21.74
C SER A 40 25.81 -25.17 22.07
N GLY A 41 25.78 -24.76 23.34
CA GLY A 41 26.52 -23.60 23.78
C GLY A 41 25.86 -22.28 23.44
N TYR A 42 24.81 -22.28 22.61
CA TYR A 42 24.04 -21.10 22.29
C TYR A 42 22.56 -21.42 22.45
N ILE A 43 21.82 -20.50 23.06
CA ILE A 43 20.37 -20.61 23.20
C ILE A 43 19.78 -19.43 22.43
N VAL A 44 19.11 -19.71 21.32
CA VAL A 44 18.54 -18.68 20.46
C VAL A 44 17.07 -18.53 20.78
N GLU A 45 16.65 -17.30 21.07
CA GLU A 45 15.28 -17.00 21.42
C GLU A 45 14.80 -15.81 20.62
N SER A 46 13.49 -15.60 20.64
CA SER A 46 12.84 -14.53 19.90
C SER A 46 12.13 -13.59 20.86
N SER A 47 12.17 -12.30 20.56
CA SER A 47 11.42 -11.30 21.32
C SER A 47 10.03 -11.06 20.75
N ARG A 48 9.66 -11.78 19.68
CA ARG A 48 8.36 -11.62 19.02
C ARG A 48 8.09 -10.16 18.66
N GLY A 49 9.15 -9.44 18.31
CA GLY A 49 9.02 -8.02 18.01
C GLY A 49 9.20 -7.19 19.27
N HIS A 50 8.30 -6.24 19.47
CA HIS A 50 8.39 -5.36 20.62
C HIS A 50 7.93 -6.06 21.89
N ILE A 51 8.69 -5.89 22.97
CA ILE A 51 8.32 -6.42 24.26
C ILE A 51 7.69 -5.35 25.16
N ARG A 52 7.97 -4.08 24.91
CA ARG A 52 7.47 -2.99 25.73
C ARG A 52 6.81 -1.94 24.86
N ASP A 53 5.94 -1.16 25.49
CA ASP A 53 5.22 -0.09 24.81
C ASP A 53 4.79 0.92 25.86
N LEU A 54 4.27 2.04 25.39
CA LEU A 54 3.58 2.96 26.28
C LEU A 54 2.30 2.31 26.78
N PRO A 55 1.78 2.74 27.92
CA PRO A 55 0.45 2.28 28.32
C PRO A 55 -0.59 2.73 27.31
N ARG A 56 -1.50 1.82 26.97
CA ARG A 56 -2.55 2.19 26.02
C ARG A 56 -3.60 3.08 26.67
N ALA A 57 -3.66 3.12 28.00
CA ALA A 57 -4.65 3.92 28.70
C ALA A 57 -4.08 4.37 30.05
N ALA A 58 -4.73 5.38 30.63
CA ALA A 58 -4.30 5.88 31.93
C ALA A 58 -4.45 4.83 33.02
N SER A 59 -5.37 3.89 32.85
CA SER A 59 -5.56 2.81 33.80
C SER A 59 -4.51 1.71 33.68
N ASP A 60 -3.53 1.87 32.78
CA ASP A 60 -2.46 0.90 32.62
C ASP A 60 -1.15 1.36 33.24
N VAL A 61 -1.04 2.63 33.61
CA VAL A 61 0.19 3.13 34.22
C VAL A 61 0.29 2.59 35.64
N PRO A 62 1.50 2.43 36.19
CA PRO A 62 1.62 2.00 37.58
C PRO A 62 1.00 3.01 38.53
N ALA A 63 0.85 2.58 39.79
CA ALA A 63 0.19 3.39 40.81
C ALA A 63 0.95 4.66 41.14
N LYS A 64 2.21 4.80 40.71
CA LYS A 64 2.98 5.98 41.05
C LYS A 64 2.50 7.22 40.28
N TYR A 65 2.09 7.03 39.03
CA TYR A 65 1.75 8.15 38.15
C TYR A 65 0.27 8.19 37.79
N LYS A 66 -0.57 7.40 38.45
CA LYS A 66 -1.98 7.34 38.09
C LYS A 66 -2.66 8.69 38.23
N SER A 67 -2.25 9.49 39.22
CA SER A 67 -2.85 10.80 39.45
C SER A 67 -2.23 11.90 38.60
N GLN A 68 -1.03 11.69 38.08
CA GLN A 68 -0.36 12.72 37.29
C GLN A 68 -1.18 13.02 36.04
N PRO A 69 -1.27 14.29 35.63
CA PRO A 69 -2.12 14.62 34.48
C PRO A 69 -1.60 14.06 33.16
N TRP A 70 -0.29 13.87 33.03
CA TRP A 70 0.27 13.33 31.80
C TRP A 70 0.07 11.83 31.65
N ALA A 71 -0.66 11.20 32.58
CA ALA A 71 -0.85 9.76 32.51
C ALA A 71 -1.69 9.35 31.30
N ARG A 72 -2.57 10.23 30.84
CA ARG A 72 -3.39 9.91 29.66
C ARG A 72 -2.53 9.75 28.42
N LEU A 73 -1.43 10.49 28.32
CA LEU A 73 -0.50 10.36 27.19
C LEU A 73 0.51 9.25 27.42
N GLY A 74 0.87 8.97 28.66
CA GLY A 74 1.91 8.01 28.95
C GLY A 74 3.32 8.55 28.83
N VAL A 75 3.47 9.83 28.51
CA VAL A 75 4.77 10.51 28.51
C VAL A 75 4.62 11.82 29.25
N ASN A 76 5.66 12.21 29.98
CA ASN A 76 5.63 13.43 30.79
C ASN A 76 6.17 14.58 29.95
N VAL A 77 5.27 15.14 29.13
CA VAL A 77 5.65 16.22 28.21
C VAL A 77 6.15 17.45 28.96
N ASP A 78 5.76 17.61 30.22
CA ASP A 78 6.28 18.72 31.02
C ASP A 78 7.70 18.47 31.51
N ALA A 79 8.13 17.21 31.56
CA ALA A 79 9.49 16.89 32.01
C ALA A 79 10.30 16.27 30.89
N ASP A 80 10.54 17.04 29.82
CA ASP A 80 11.41 16.64 28.72
C ASP A 80 10.93 15.36 28.03
N PHE A 81 9.61 15.18 27.98
CA PHE A 81 9.00 14.07 27.25
C PHE A 81 9.54 12.72 27.71
N GLU A 82 9.56 12.54 29.02
CA GLU A 82 9.99 11.26 29.58
C GLU A 82 8.92 10.21 29.35
N PRO A 83 9.20 9.16 28.58
CA PRO A 83 8.19 8.14 28.32
C PRO A 83 8.07 7.16 29.48
N LEU A 84 6.91 6.53 29.55
CA LEU A 84 6.63 5.47 30.52
C LEU A 84 6.40 4.18 29.76
N TYR A 85 7.27 3.20 29.96
CA TYR A 85 7.20 1.93 29.26
C TYR A 85 6.73 0.83 30.21
N ILE A 86 5.85 -0.03 29.70
CA ILE A 86 5.41 -1.21 30.42
C ILE A 86 5.61 -2.42 29.51
N ILE A 87 5.69 -3.59 30.13
CA ILE A 87 5.75 -4.83 29.37
C ILE A 87 4.39 -5.06 28.71
N SER A 88 4.39 -5.26 27.39
CA SER A 88 3.15 -5.51 26.68
C SER A 88 2.49 -6.76 27.24
N PRO A 89 1.18 -6.73 27.51
CA PRO A 89 0.52 -7.92 28.07
C PRO A 89 0.61 -9.14 27.17
N GLU A 90 0.61 -8.95 25.84
CA GLU A 90 0.76 -10.07 24.93
C GLU A 90 2.20 -10.55 24.82
N LYS A 91 3.14 -9.93 25.54
CA LYS A 91 4.53 -10.34 25.54
C LYS A 91 5.03 -10.74 26.91
N ARG A 92 4.17 -10.76 27.93
CA ARG A 92 4.60 -11.19 29.26
C ARG A 92 5.13 -12.62 29.23
N SER A 93 4.49 -13.50 28.45
CA SER A 93 4.97 -14.87 28.33
C SER A 93 6.36 -14.91 27.70
N THR A 94 6.62 -14.04 26.73
CA THR A 94 7.94 -13.97 26.12
C THR A 94 8.96 -13.42 27.10
N VAL A 95 8.62 -12.34 27.80
CA VAL A 95 9.57 -11.70 28.71
C VAL A 95 9.96 -12.65 29.84
N SER A 96 8.98 -13.35 30.40
CA SER A 96 9.26 -14.25 31.52
C SER A 96 10.16 -15.41 31.10
N GLU A 97 10.00 -15.88 29.86
CA GLU A 97 10.89 -16.94 29.37
C GLU A 97 12.32 -16.44 29.23
N LEU A 98 12.50 -15.26 28.62
CA LEU A 98 13.83 -14.68 28.48
C LEU A 98 14.49 -14.46 29.83
N ARG A 99 13.73 -13.94 30.80
CA ARG A 99 14.26 -13.74 32.14
C ARG A 99 14.66 -15.07 32.76
N GLY A 100 13.88 -16.13 32.52
CA GLY A 100 14.23 -17.43 33.05
C GLY A 100 15.46 -18.02 32.39
N LEU A 101 15.59 -17.83 31.07
CA LEU A 101 16.74 -18.36 30.35
C LEU A 101 18.00 -17.54 30.60
N LEU A 102 17.86 -16.31 31.09
CA LEU A 102 19.04 -15.51 31.40
C LEU A 102 19.84 -16.11 32.56
N LYS A 103 19.16 -16.76 33.49
CA LYS A 103 19.82 -17.35 34.66
C LYS A 103 20.59 -18.62 34.32
N ASP A 104 20.58 -19.06 33.06
CA ASP A 104 21.21 -20.32 32.67
C ASP A 104 22.40 -20.14 31.75
N VAL A 105 22.77 -18.91 31.42
CA VAL A 105 23.84 -18.64 30.46
C VAL A 105 24.86 -17.71 31.11
N ASP A 106 25.94 -17.44 30.38
CA ASP A 106 27.01 -16.56 30.84
C ASP A 106 27.19 -15.31 30.00
N GLU A 107 26.64 -15.26 28.79
CA GLU A 107 26.72 -14.06 27.96
C GLU A 107 25.39 -13.87 27.22
N LEU A 108 25.09 -12.63 26.89
CA LEU A 108 23.88 -12.25 26.17
C LEU A 108 24.26 -11.57 24.87
N TYR A 109 23.72 -12.07 23.76
CA TYR A 109 23.93 -11.49 22.44
C TYR A 109 22.61 -10.88 21.97
N LEU A 110 22.56 -9.56 21.93
CA LEU A 110 21.38 -8.84 21.44
C LEU A 110 21.50 -8.74 19.93
N ALA A 111 20.86 -9.67 19.22
CA ALA A 111 21.02 -9.75 17.78
C ALA A 111 19.72 -9.41 17.03
N THR A 112 19.07 -8.32 17.43
CA THR A 112 17.91 -7.85 16.70
C THR A 112 18.35 -7.19 15.40
N ASP A 113 17.36 -6.75 14.60
CA ASP A 113 17.66 -6.11 13.33
C ASP A 113 18.39 -4.79 13.55
N GLY A 114 19.14 -4.37 12.53
CA GLY A 114 19.94 -3.17 12.59
C GLY A 114 19.21 -1.87 12.33
N ASP A 115 17.90 -1.92 12.07
CA ASP A 115 17.12 -0.71 11.86
C ASP A 115 16.79 -0.07 13.22
N ARG A 116 16.15 1.10 13.18
CA ARG A 116 15.88 1.82 14.42
C ARG A 116 14.83 1.10 15.27
N GLU A 117 13.95 0.31 14.65
CA GLU A 117 13.02 -0.50 15.43
C GLU A 117 13.75 -1.65 16.10
N GLY A 118 14.66 -2.30 15.38
CA GLY A 118 15.44 -3.36 15.98
C GLY A 118 16.39 -2.88 17.05
N GLU A 119 16.93 -1.67 16.89
CA GLU A 119 17.81 -1.12 17.92
C GLU A 119 17.05 -0.79 19.19
N ALA A 120 15.80 -0.36 19.07
CA ALA A 120 15.00 -0.05 20.25
C ALA A 120 14.54 -1.32 20.96
N ILE A 121 14.23 -2.38 20.21
CA ILE A 121 13.92 -3.66 20.83
C ILE A 121 15.11 -4.14 21.64
N ALA A 122 16.30 -4.07 21.05
CA ALA A 122 17.52 -4.37 21.80
C ALA A 122 17.66 -3.45 23.02
N TRP A 123 17.32 -2.18 22.85
CA TRP A 123 17.36 -1.26 23.99
C TRP A 123 16.33 -1.64 25.05
N HIS A 124 15.11 -1.98 24.63
CA HIS A 124 14.10 -2.41 25.58
C HIS A 124 14.48 -3.72 26.25
N LEU A 125 15.09 -4.64 25.48
CA LEU A 125 15.55 -5.90 26.06
C LEU A 125 16.60 -5.66 27.14
N LEU A 126 17.49 -4.70 26.91
CA LEU A 126 18.49 -4.36 27.93
C LEU A 126 17.82 -3.82 29.18
N GLU A 127 16.82 -2.95 29.02
CA GLU A 127 16.17 -2.33 30.16
C GLU A 127 15.28 -3.31 30.91
N THR A 128 14.63 -4.23 30.20
CA THR A 128 13.71 -5.14 30.86
C THR A 128 14.44 -6.32 31.51
N LEU A 129 15.47 -6.84 30.84
CA LEU A 129 16.19 -7.98 31.39
C LEU A 129 17.13 -7.57 32.52
N LYS A 130 17.77 -6.40 32.39
CA LYS A 130 18.75 -5.89 33.34
C LYS A 130 19.78 -6.97 33.65
N PRO A 131 20.60 -7.37 32.69
CA PRO A 131 21.50 -8.50 32.90
C PRO A 131 22.77 -8.10 33.63
N ARG A 132 23.26 -9.02 34.46
CA ARG A 132 24.51 -8.86 35.19
C ARG A 132 25.69 -9.52 34.49
N ILE A 133 25.47 -10.07 33.30
CA ILE A 133 26.52 -10.76 32.54
C ILE A 133 26.92 -9.85 31.38
N PRO A 134 28.05 -10.10 30.71
CA PRO A 134 28.43 -9.26 29.56
C PRO A 134 27.39 -9.32 28.45
N VAL A 135 27.24 -8.21 27.76
CA VAL A 135 26.28 -8.07 26.66
C VAL A 135 27.00 -7.53 25.44
N LYS A 136 26.72 -8.12 24.28
CA LYS A 136 27.24 -7.66 23.00
C LYS A 136 26.07 -7.41 22.06
N ARG A 137 26.16 -6.33 21.29
CA ARG A 137 25.17 -5.99 20.28
C ARG A 137 25.75 -6.28 18.90
N MET A 138 25.03 -7.07 18.12
CA MET A 138 25.50 -7.43 16.79
C MET A 138 24.31 -7.55 15.84
N VAL A 139 24.59 -7.40 14.55
CA VAL A 139 23.58 -7.38 13.50
C VAL A 139 24.02 -8.32 12.39
N PHE A 140 23.07 -9.03 11.78
CA PHE A 140 23.33 -9.82 10.60
C PHE A 140 22.19 -9.63 9.61
N HIS A 141 22.47 -9.93 8.34
CA HIS A 141 21.48 -9.78 7.28
C HIS A 141 21.00 -11.11 6.72
N GLU A 142 21.72 -12.19 6.95
CA GLU A 142 21.30 -13.52 6.51
C GLU A 142 21.80 -14.55 7.50
N ILE A 143 21.18 -15.73 7.46
CA ILE A 143 21.63 -16.83 8.29
C ILE A 143 22.54 -17.72 7.45
N THR A 144 23.81 -17.36 7.40
CA THR A 144 24.84 -18.16 6.76
C THR A 144 26.10 -18.09 7.63
N GLU A 145 26.85 -19.20 7.65
CA GLU A 145 28.07 -19.27 8.46
C GLU A 145 28.97 -18.04 8.30
N PRO A 146 29.25 -17.51 7.10
CA PRO A 146 30.05 -16.29 7.04
C PRO A 146 29.35 -15.07 7.61
N ALA A 147 28.02 -14.99 7.52
CA ALA A 147 27.31 -13.86 8.07
C ALA A 147 27.26 -13.92 9.59
N ILE A 148 27.13 -15.12 10.15
CA ILE A 148 27.16 -15.27 11.60
C ILE A 148 28.55 -14.97 12.14
N ARG A 149 29.59 -15.50 11.48
CA ARG A 149 30.95 -15.29 11.95
C ARG A 149 31.32 -13.81 11.93
N ALA A 150 31.03 -13.14 10.81
CA ALA A 150 31.37 -11.72 10.70
C ALA A 150 30.66 -10.89 11.76
N ALA A 151 29.37 -11.15 11.96
CA ALA A 151 28.61 -10.43 12.98
C ALA A 151 29.17 -10.69 14.38
N ALA A 152 29.64 -11.92 14.63
CA ALA A 152 30.17 -12.25 15.94
C ALA A 152 31.53 -11.60 16.18
N GLU A 153 32.34 -11.45 15.14
CA GLU A 153 33.67 -10.86 15.27
C GLU A 153 33.67 -9.35 15.10
N HIS A 154 32.49 -8.73 15.05
CA HIS A 154 32.37 -7.27 15.02
C HIS A 154 31.15 -6.84 15.82
N PRO A 155 31.22 -6.97 17.15
CA PRO A 155 30.14 -6.46 18.00
C PRO A 155 30.31 -4.97 18.24
N ARG A 156 29.29 -4.38 18.87
CA ARG A 156 29.32 -2.97 19.20
C ARG A 156 28.37 -2.73 20.36
N ASP A 157 28.30 -1.47 20.80
CA ASP A 157 27.35 -1.06 21.81
C ASP A 157 26.08 -0.51 21.16
N LEU A 158 25.09 -0.21 21.98
CA LEU A 158 23.84 0.32 21.48
C LEU A 158 24.03 1.74 20.96
N ASP A 159 23.26 2.09 19.93
CA ASP A 159 23.30 3.41 19.31
C ASP A 159 22.14 4.22 19.88
N ILE A 160 22.44 5.09 20.86
CA ILE A 160 21.38 5.83 21.53
C ILE A 160 20.73 6.84 20.59
N ASP A 161 21.52 7.44 19.69
CA ASP A 161 20.94 8.30 18.67
C ASP A 161 19.94 7.53 17.82
N LEU A 162 20.18 6.23 17.62
CA LEU A 162 19.25 5.42 16.85
C LEU A 162 18.01 5.07 17.66
N VAL A 163 18.17 4.77 18.95
CA VAL A 163 16.99 4.48 19.76
C VAL A 163 16.20 5.76 20.03
N ASP A 164 16.87 6.91 20.05
CA ASP A 164 16.16 8.17 20.22
C ASP A 164 15.36 8.53 18.98
N ALA A 165 15.77 8.04 17.80
CA ALA A 165 15.03 8.29 16.58
C ALA A 165 13.65 7.66 16.64
N GLN A 166 13.59 6.35 16.88
CA GLN A 166 12.30 5.67 16.92
C GLN A 166 11.49 6.08 18.15
N GLU A 167 12.15 6.43 19.25
CA GLU A 167 11.42 6.91 20.42
C GLU A 167 10.72 8.22 20.10
N THR A 168 11.39 9.10 19.35
CA THR A 168 10.73 10.31 18.87
C THR A 168 9.57 9.98 17.95
N ARG A 169 9.73 8.95 17.12
CA ARG A 169 8.64 8.50 16.25
C ARG A 169 7.49 7.93 17.07
N ARG A 170 7.81 7.07 18.05
CA ARG A 170 6.77 6.48 18.88
C ARG A 170 5.99 7.53 19.64
N ILE A 171 6.70 8.48 20.27
CA ILE A 171 6.03 9.54 21.01
C ILE A 171 5.24 10.44 20.06
N LEU A 172 5.80 10.70 18.88
CA LEU A 172 5.07 11.46 17.85
C LEU A 172 3.73 10.82 17.57
N ASP A 173 3.71 9.50 17.35
CA ASP A 173 2.46 8.81 17.06
C ASP A 173 1.52 8.84 18.26
N ARG A 174 2.06 8.82 19.48
CA ARG A 174 1.22 8.87 20.67
C ARG A 174 0.59 10.25 20.83
N LEU A 175 1.39 11.32 20.68
CA LEU A 175 0.84 12.67 20.75
C LEU A 175 -0.20 12.89 19.65
N TYR A 176 0.10 12.45 18.43
CA TYR A 176 -0.84 12.59 17.32
C TYR A 176 -2.16 11.90 17.65
N GLY A 177 -2.10 10.64 18.08
CA GLY A 177 -3.33 9.89 18.28
C GLY A 177 -4.11 10.33 19.50
N TYR A 178 -3.43 10.37 20.66
CA TYR A 178 -4.11 10.58 21.93
C TYR A 178 -4.44 12.04 22.21
N GLU A 179 -4.06 12.97 21.32
CA GLU A 179 -4.45 14.36 21.47
C GLU A 179 -5.46 14.82 20.42
N VAL A 180 -5.40 14.28 19.21
CA VAL A 180 -6.34 14.66 18.16
C VAL A 180 -7.63 13.84 18.21
N SER A 181 -7.58 12.63 18.77
CA SER A 181 -8.78 11.81 18.88
C SER A 181 -9.81 12.41 19.83
N PRO A 182 -9.41 12.94 21.00
CA PRO A 182 -10.42 13.62 21.84
C PRO A 182 -11.15 14.75 21.14
N VAL A 183 -10.49 15.42 20.19
CA VAL A 183 -11.17 16.44 19.40
C VAL A 183 -12.31 15.81 18.60
N LEU A 184 -12.08 14.60 18.08
CA LEU A 184 -13.11 13.92 17.31
C LEU A 184 -14.28 13.50 18.21
N TRP A 185 -13.97 13.01 19.41
CA TRP A 185 -15.04 12.67 20.36
C TRP A 185 -15.89 13.88 20.67
N LYS A 186 -15.28 15.06 20.74
CA LYS A 186 -15.98 16.27 21.15
C LYS A 186 -16.80 16.87 20.02
N LYS A 187 -16.37 16.71 18.77
CA LYS A 187 -17.02 17.37 17.64
C LYS A 187 -17.79 16.44 16.72
N VAL A 188 -17.53 15.13 16.75
CA VAL A 188 -18.21 14.21 15.85
C VAL A 188 -18.94 13.14 16.65
N ALA A 189 -18.21 12.13 17.11
CA ALA A 189 -18.80 11.01 17.84
C ALA A 189 -17.76 10.43 18.76
N PRO A 190 -18.18 9.78 19.85
CA PRO A 190 -17.20 9.16 20.76
C PRO A 190 -16.54 7.94 20.12
N LYS A 191 -15.41 7.55 20.71
CA LYS A 191 -14.66 6.35 20.35
C LYS A 191 -13.95 6.48 19.00
N LEU A 192 -14.21 7.56 18.27
CA LEU A 192 -13.53 7.76 17.00
C LEU A 192 -12.04 8.05 17.24
N SER A 193 -11.24 7.93 16.19
CA SER A 193 -9.79 7.98 16.33
C SER A 193 -9.17 8.71 15.16
N ALA A 194 -7.91 9.10 15.35
CA ALA A 194 -7.12 9.74 14.31
C ALA A 194 -5.66 9.33 14.49
N GLY A 195 -4.98 9.06 13.39
CA GLY A 195 -3.59 8.64 13.45
C GLY A 195 -2.82 9.10 12.23
N ARG A 196 -1.50 9.17 12.41
CA ARG A 196 -0.62 9.62 11.33
C ARG A 196 -0.78 8.76 10.08
N VAL A 197 -1.18 7.50 10.24
CA VAL A 197 -1.42 6.60 9.12
C VAL A 197 -2.91 6.44 8.86
N GLN A 198 -3.69 6.15 9.91
CA GLN A 198 -5.14 5.99 9.79
C GLN A 198 -5.77 7.13 9.00
N SER A 199 -5.58 8.36 9.50
CA SER A 199 -6.27 9.51 8.95
C SER A 199 -5.85 9.80 7.52
N VAL A 200 -4.62 9.41 7.15
CA VAL A 200 -4.18 9.58 5.76
C VAL A 200 -4.74 8.45 4.90
N ALA A 201 -4.63 7.21 5.38
CA ALA A 201 -5.20 6.08 4.65
C ALA A 201 -6.69 6.26 4.42
N THR A 202 -7.40 6.75 5.44
CA THR A 202 -8.82 7.03 5.28
C THR A 202 -9.05 8.17 4.30
N ARG A 203 -8.19 9.20 4.34
CA ARG A 203 -8.35 10.33 3.43
C ARG A 203 -8.15 9.91 1.99
N ILE A 204 -7.19 9.01 1.73
CA ILE A 204 -6.99 8.50 0.38
C ILE A 204 -8.28 7.90 -0.16
N ILE A 205 -8.99 7.15 0.67
CA ILE A 205 -10.21 6.47 0.23
C ILE A 205 -11.35 7.47 0.09
N VAL A 206 -11.44 8.44 1.01
CA VAL A 206 -12.49 9.44 0.91
C VAL A 206 -12.29 10.33 -0.31
N ALA A 207 -11.05 10.73 -0.58
CA ALA A 207 -10.78 11.53 -1.77
C ALA A 207 -11.20 10.80 -3.04
N ARG A 208 -10.98 9.48 -3.09
CA ARG A 208 -11.43 8.70 -4.23
C ARG A 208 -12.95 8.72 -4.34
N GLU A 209 -13.64 8.70 -3.20
CA GLU A 209 -15.10 8.57 -3.23
C GLU A 209 -15.74 9.83 -3.77
N ARG A 210 -15.35 11.00 -3.27
CA ARG A 210 -15.94 12.23 -3.80
C ARG A 210 -15.46 12.55 -5.21
N ASP A 211 -14.38 11.91 -5.68
CA ASP A 211 -13.99 12.06 -7.07
C ASP A 211 -14.97 11.36 -8.01
N ARG A 212 -15.64 10.31 -7.52
CA ARG A 212 -16.67 9.63 -8.30
C ARG A 212 -18.08 10.04 -7.88
N MET A 213 -18.22 10.91 -6.88
CA MET A 213 -19.52 11.53 -6.61
C MET A 213 -19.76 12.71 -7.53
N ALA A 214 -18.73 13.53 -7.75
CA ALA A 214 -18.82 14.63 -8.71
C ALA A 214 -18.65 14.17 -10.15
N PHE A 215 -18.18 12.95 -10.37
CA PHE A 215 -18.02 12.44 -11.73
C PHE A 215 -19.38 12.32 -12.42
N ARG A 216 -19.39 12.64 -13.71
CA ARG A 216 -20.60 12.56 -14.53
C ARG A 216 -20.25 11.83 -15.81
N SER A 217 -21.09 10.87 -16.20
CA SER A 217 -20.78 10.02 -17.34
C SER A 217 -21.18 10.69 -18.65
N ALA A 218 -20.65 10.13 -19.74
CA ALA A 218 -20.97 10.61 -21.09
C ALA A 218 -20.82 9.43 -22.04
N ALA A 219 -21.94 8.96 -22.58
CA ALA A 219 -21.93 7.78 -23.43
C ALA A 219 -21.61 8.15 -24.87
N TYR A 220 -21.11 7.15 -25.61
CA TYR A 220 -20.78 7.32 -27.01
C TYR A 220 -20.77 5.94 -27.67
N TRP A 221 -20.93 5.95 -28.99
CA TRP A 221 -20.98 4.72 -29.78
C TRP A 221 -19.97 4.78 -30.91
N ASP A 222 -19.65 3.61 -31.44
CA ASP A 222 -18.86 3.46 -32.66
C ASP A 222 -19.16 2.08 -33.23
N ILE A 223 -18.30 1.61 -34.14
CA ILE A 223 -18.48 0.29 -34.75
C ILE A 223 -17.17 -0.47 -34.64
N LEU A 224 -17.24 -1.70 -34.13
CA LEU A 224 -16.10 -2.60 -33.98
C LEU A 224 -16.50 -3.92 -34.64
N ALA A 225 -16.33 -3.99 -35.95
CA ALA A 225 -16.79 -5.11 -36.75
C ALA A 225 -15.66 -6.12 -36.99
N LYS A 226 -16.04 -7.28 -37.49
CA LYS A 226 -15.09 -8.36 -37.76
C LYS A 226 -14.68 -8.37 -39.24
N LEU A 227 -14.05 -7.29 -39.66
CA LEU A 227 -13.61 -7.14 -41.04
C LEU A 227 -12.39 -8.01 -41.32
N THR A 240 -10.00 -14.43 -38.17
CA THR A 240 -9.25 -14.18 -36.96
C THR A 240 -8.67 -12.77 -36.95
N PHE A 241 -9.53 -11.78 -37.19
CA PHE A 241 -9.12 -10.38 -37.23
C PHE A 241 -10.31 -9.51 -36.87
N SER A 242 -10.06 -8.48 -36.06
CA SER A 242 -11.10 -7.57 -35.60
C SER A 242 -10.59 -6.15 -35.66
N ALA A 243 -11.26 -5.31 -36.43
CA ALA A 243 -10.89 -3.91 -36.59
C ALA A 243 -11.99 -3.01 -36.02
N ARG A 244 -11.61 -1.78 -35.69
CA ARG A 244 -12.50 -0.85 -35.01
C ARG A 244 -12.51 0.49 -35.74
N LEU A 245 -13.52 1.29 -35.40
CA LEU A 245 -13.63 2.64 -35.96
C LEU A 245 -12.51 3.53 -35.47
N THR A 246 -12.01 4.38 -36.36
CA THR A 246 -11.04 5.42 -35.99
C THR A 246 -11.53 6.81 -36.36
N ALA A 247 -11.95 7.02 -37.60
CA ALA A 247 -12.45 8.32 -38.03
C ALA A 247 -13.58 8.11 -39.03
N VAL A 248 -14.36 9.17 -39.23
CA VAL A 248 -15.46 9.17 -40.18
C VAL A 248 -15.40 10.49 -40.96
N ALA A 249 -15.06 10.41 -42.24
CA ALA A 249 -14.95 11.58 -43.13
C ALA A 249 -13.87 12.50 -42.54
N GLY A 250 -14.13 13.80 -42.41
CA GLY A 250 -13.09 14.71 -41.95
C GLY A 250 -12.80 14.61 -40.46
N ARG A 251 -13.80 14.22 -39.67
CA ARG A 251 -13.67 14.16 -38.23
C ARG A 251 -13.30 12.76 -37.76
N ARG A 252 -12.83 12.69 -36.52
CA ARG A 252 -12.46 11.43 -35.89
C ARG A 252 -13.71 10.82 -35.25
N VAL A 253 -13.54 9.74 -34.48
CA VAL A 253 -14.62 9.17 -33.69
C VAL A 253 -14.31 9.41 -32.21
N ALA A 254 -15.37 9.58 -31.43
CA ALA A 254 -15.18 9.85 -30.00
C ALA A 254 -14.65 8.61 -29.30
N THR A 255 -13.54 8.79 -28.59
CA THR A 255 -12.93 7.74 -27.79
C THR A 255 -13.15 8.01 -26.31
N GLY A 256 -12.78 7.03 -25.48
CA GLY A 256 -12.93 7.19 -24.05
C GLY A 256 -12.08 8.31 -23.49
N ARG A 257 -10.95 8.60 -24.14
CA ARG A 257 -10.02 9.63 -23.70
C ARG A 257 -10.39 11.02 -24.18
N ASP A 258 -11.64 11.23 -24.60
CA ASP A 258 -12.08 12.50 -25.14
C ASP A 258 -12.99 13.29 -24.22
N PHE A 259 -13.50 12.68 -23.15
CA PHE A 259 -14.41 13.33 -22.22
C PHE A 259 -13.71 13.53 -20.88
N ASP A 260 -13.99 14.66 -20.24
CA ASP A 260 -13.43 14.95 -18.93
C ASP A 260 -14.32 14.35 -17.84
N SER A 261 -14.10 14.74 -16.59
CA SER A 261 -14.82 14.16 -15.47
C SER A 261 -16.30 14.53 -15.47
N LEU A 262 -16.67 15.64 -16.11
CA LEU A 262 -18.04 16.12 -16.10
C LEU A 262 -18.80 15.80 -17.38
N GLY A 263 -18.25 14.92 -18.22
CA GLY A 263 -18.89 14.59 -19.48
C GLY A 263 -18.69 15.60 -20.58
N THR A 264 -17.82 16.58 -20.39
CA THR A 264 -17.55 17.59 -21.40
C THR A 264 -16.43 17.11 -22.31
N LEU A 265 -16.64 17.23 -23.62
CA LEU A 265 -15.63 16.86 -24.60
C LEU A 265 -14.50 17.87 -24.57
N ARG A 266 -13.27 17.41 -24.35
CA ARG A 266 -12.13 18.30 -24.36
C ARG A 266 -11.95 18.91 -25.74
N LYS A 267 -11.87 20.24 -25.80
CA LYS A 267 -11.79 20.97 -27.06
C LYS A 267 -10.62 20.51 -27.93
N GLU A 270 -13.40 19.42 -32.54
CA GLU A 270 -12.99 18.75 -33.77
C GLU A 270 -13.80 17.48 -33.99
N VAL A 271 -13.62 16.53 -33.06
CA VAL A 271 -14.30 15.24 -33.11
C VAL A 271 -15.77 15.43 -32.76
N ILE A 272 -16.60 14.42 -33.01
CA ILE A 272 -18.01 14.44 -32.64
C ILE A 272 -18.39 13.04 -32.18
N VAL A 273 -19.19 12.97 -31.12
CA VAL A 273 -19.58 11.69 -30.52
C VAL A 273 -20.65 11.04 -31.39
N LEU A 274 -20.36 9.84 -31.88
CA LEU A 274 -21.33 9.06 -32.63
C LEU A 274 -22.30 8.42 -31.64
N ASP A 275 -23.56 8.85 -31.66
CA ASP A 275 -24.56 8.33 -30.75
C ASP A 275 -25.21 7.08 -31.34
N GLU A 276 -26.21 6.55 -30.62
CA GLU A 276 -26.88 5.33 -31.07
C GLU A 276 -27.57 5.55 -32.42
N GLY A 277 -28.15 6.74 -32.62
CA GLY A 277 -28.91 6.96 -33.84
C GLY A 277 -28.04 7.18 -35.06
N SER A 278 -27.01 8.01 -34.93
CA SER A 278 -26.19 8.37 -36.09
C SER A 278 -25.26 7.23 -36.48
N ALA A 279 -24.75 6.48 -35.49
CA ALA A 279 -23.85 5.38 -35.80
C ALA A 279 -24.57 4.26 -36.51
N THR A 280 -25.82 3.98 -36.11
CA THR A 280 -26.59 2.93 -36.77
C THR A 280 -27.00 3.32 -38.18
N ALA A 281 -27.13 4.63 -38.45
CA ALA A 281 -27.41 5.07 -39.81
C ALA A 281 -26.20 4.88 -40.71
N LEU A 282 -25.00 4.91 -40.15
CA LEU A 282 -23.77 4.65 -40.89
C LEU A 282 -23.39 3.17 -40.89
N ALA A 283 -24.30 2.28 -40.49
CA ALA A 283 -24.01 0.86 -40.52
C ALA A 283 -23.95 0.33 -41.94
N ALA A 284 -24.71 0.92 -42.85
CA ALA A 284 -24.72 0.54 -44.27
C ALA A 284 -24.99 -0.95 -44.46
N ASP A 287 -24.99 -3.55 -48.09
CA ASP A 287 -24.88 -4.66 -47.14
C ASP A 287 -23.43 -5.09 -46.99
N GLY A 288 -22.96 -5.96 -47.89
CA GLY A 288 -21.60 -6.45 -47.87
C GLY A 288 -20.75 -5.71 -48.90
N THR A 289 -19.63 -5.17 -48.43
CA THR A 289 -18.77 -4.34 -49.26
C THR A 289 -17.32 -4.64 -48.93
N GLN A 290 -16.49 -4.75 -49.97
CA GLN A 290 -15.06 -4.93 -49.78
C GLN A 290 -14.42 -3.65 -49.26
N LEU A 291 -13.52 -3.80 -48.29
CA LEU A 291 -12.85 -2.68 -47.66
C LEU A 291 -11.37 -2.66 -48.07
N THR A 292 -10.82 -1.46 -48.20
CA THR A 292 -9.45 -1.28 -48.63
C THR A 292 -8.52 -1.20 -47.42
N VAL A 293 -7.22 -1.10 -47.70
CA VAL A 293 -6.19 -1.02 -46.68
C VAL A 293 -5.31 0.18 -46.99
N ALA A 294 -5.13 1.06 -46.01
CA ALA A 294 -4.37 2.29 -46.19
C ALA A 294 -2.91 2.17 -45.77
N SER A 295 -2.65 1.64 -44.58
CA SER A 295 -1.29 1.56 -44.07
C SER A 295 -1.10 0.27 -43.28
N ALA A 296 0.11 -0.27 -43.34
CA ALA A 296 0.47 -1.45 -42.58
C ALA A 296 1.94 -1.38 -42.16
N GLU A 297 2.30 -0.29 -41.46
CA GLU A 297 3.68 -0.09 -41.03
C GLU A 297 4.02 -1.03 -39.88
N GLU A 298 5.31 -1.31 -39.71
CA GLU A 298 5.79 -2.23 -38.69
C GLU A 298 6.94 -1.61 -37.91
N LYS A 299 6.98 -1.86 -36.60
CA LYS A 299 8.02 -1.32 -35.72
C LYS A 299 8.14 -2.21 -34.49
N PRO A 300 9.36 -2.46 -33.99
CA PRO A 300 9.52 -3.40 -32.87
C PRO A 300 9.51 -2.72 -31.51
N TYR A 301 9.13 -3.49 -30.49
CA TYR A 301 9.10 -3.03 -29.10
C TYR A 301 9.99 -3.92 -28.24
N ALA A 302 10.10 -3.56 -26.96
CA ALA A 302 10.88 -4.28 -25.98
C ALA A 302 10.08 -4.41 -24.69
N ARG A 303 9.85 -5.64 -24.26
CA ARG A 303 9.11 -5.93 -23.04
C ARG A 303 10.07 -6.24 -21.91
N ARG A 304 9.87 -5.58 -20.73
CA ARG A 304 10.75 -5.67 -19.58
C ARG A 304 10.22 -6.70 -18.58
N PRO A 305 11.13 -7.39 -17.88
CA PRO A 305 10.70 -8.36 -16.88
C PRO A 305 10.37 -7.72 -15.54
N TYR A 306 9.39 -8.31 -14.87
CA TYR A 306 8.96 -7.80 -13.58
C TYR A 306 10.09 -7.93 -12.57
N PRO A 307 10.17 -7.02 -11.60
CA PRO A 307 11.23 -7.08 -10.60
C PRO A 307 11.01 -8.22 -9.62
N PRO A 308 12.03 -8.61 -8.86
CA PRO A 308 11.87 -9.70 -7.89
C PRO A 308 10.82 -9.39 -6.84
N PHE A 309 10.49 -10.42 -6.07
CA PHE A 309 9.34 -10.36 -5.17
C PHE A 309 9.71 -9.72 -3.83
N MET A 310 8.71 -9.05 -3.25
CA MET A 310 8.70 -8.60 -1.87
C MET A 310 7.51 -9.27 -1.17
N THR A 311 7.35 -8.98 0.12
CA THR A 311 6.23 -9.58 0.85
C THR A 311 4.89 -9.15 0.26
N SER A 312 4.81 -7.96 -0.32
CA SER A 312 3.56 -7.47 -0.88
C SER A 312 3.29 -8.07 -2.26
N THR A 313 4.27 -7.98 -3.16
CA THR A 313 4.07 -8.41 -4.53
C THR A 313 4.03 -9.94 -4.67
N LEU A 314 4.54 -10.67 -3.68
CA LEU A 314 4.48 -12.12 -3.75
C LEU A 314 3.06 -12.64 -3.51
N GLN A 315 2.37 -12.09 -2.51
CA GLN A 315 1.01 -12.53 -2.22
C GLN A 315 0.04 -12.17 -3.34
N GLN A 316 0.33 -11.10 -4.09
CA GLN A 316 -0.51 -10.76 -5.25
C GLN A 316 -0.43 -11.84 -6.31
N GLU A 317 0.79 -12.19 -6.74
CA GLU A 317 0.98 -13.22 -7.75
C GLU A 317 0.64 -14.60 -7.22
N ALA A 318 0.85 -14.85 -5.93
CA ALA A 318 0.49 -16.14 -5.34
C ALA A 318 -1.02 -16.36 -5.37
N SER A 319 -1.80 -15.30 -5.11
CA SER A 319 -3.25 -15.40 -5.17
C SER A 319 -3.79 -15.35 -6.58
N ARG A 320 -2.94 -15.10 -7.58
CA ARG A 320 -3.39 -14.97 -8.96
C ARG A 320 -3.06 -16.21 -9.77
N LYS A 321 -1.78 -16.50 -10.02
CA LYS A 321 -1.44 -17.59 -10.92
C LYS A 321 -1.39 -18.95 -10.23
N LEU A 322 -1.52 -18.99 -8.91
CA LEU A 322 -1.40 -20.25 -8.21
C LEU A 322 -2.59 -20.47 -7.28
N ARG A 323 -3.47 -19.49 -7.15
CA ARG A 323 -4.68 -19.51 -6.32
C ARG A 323 -4.38 -19.98 -4.90
N PHE A 324 -3.58 -19.17 -4.21
CA PHE A 324 -3.28 -19.36 -2.79
C PHE A 324 -3.78 -18.17 -1.98
N SER A 325 -4.09 -18.45 -0.71
CA SER A 325 -4.50 -17.38 0.19
C SER A 325 -3.29 -16.55 0.61
N ALA A 326 -3.57 -15.40 1.22
CA ALA A 326 -2.49 -14.55 1.71
C ALA A 326 -1.79 -15.18 2.91
N GLU A 327 -2.56 -15.76 3.83
CA GLU A 327 -1.96 -16.44 4.97
C GLU A 327 -1.42 -17.82 4.59
N ARG A 328 -1.97 -18.44 3.54
CA ARG A 328 -1.42 -19.70 3.07
C ARG A 328 -0.10 -19.50 2.35
N THR A 329 0.09 -18.36 1.70
CA THR A 329 1.37 -18.06 1.07
C THR A 329 2.45 -17.82 2.11
N MET A 330 2.14 -17.03 3.14
CA MET A 330 3.13 -16.74 4.17
C MET A 330 3.48 -18.00 4.96
N SER A 331 2.49 -18.84 5.27
CA SER A 331 2.76 -20.06 6.00
C SER A 331 3.68 -20.99 5.21
N ILE A 332 3.47 -21.07 3.89
CA ILE A 332 4.36 -21.88 3.06
C ILE A 332 5.72 -21.21 2.93
N ALA A 333 5.75 -19.90 2.73
CA ALA A 333 7.01 -19.19 2.59
C ALA A 333 7.85 -19.27 3.85
N GLN A 334 7.21 -19.43 5.02
CA GLN A 334 7.96 -19.60 6.25
C GLN A 334 8.75 -20.90 6.25
N ARG A 335 8.17 -21.97 5.70
CA ARG A 335 8.84 -23.27 5.72
C ARG A 335 9.95 -23.35 4.68
N LEU A 336 9.74 -22.75 3.50
CA LEU A 336 10.79 -22.72 2.49
C LEU A 336 12.03 -22.01 3.02
N TYR A 337 11.83 -20.91 3.75
CA TYR A 337 12.96 -20.20 4.34
C TYR A 337 13.61 -21.00 5.45
N GLU A 338 12.81 -21.72 6.24
CA GLU A 338 13.36 -22.51 7.34
C GLU A 338 14.19 -23.68 6.84
N ASN A 339 13.88 -24.20 5.66
CA ASN A 339 14.66 -25.27 5.06
C ASN A 339 15.76 -24.76 4.15
N GLY A 340 15.99 -23.46 4.10
CA GLY A 340 17.04 -22.91 3.28
C GLY A 340 16.75 -22.89 1.79
N TYR A 341 15.48 -22.81 1.41
CA TYR A 341 15.11 -22.76 0.00
C TYR A 341 15.03 -21.33 -0.53
N ILE A 342 14.38 -20.44 0.22
CA ILE A 342 14.25 -19.04 -0.17
C ILE A 342 14.80 -18.15 0.93
N THR A 343 14.74 -16.84 0.74
CA THR A 343 15.21 -15.88 1.73
C THR A 343 14.04 -15.47 2.63
N TYR A 344 14.28 -14.48 3.49
CA TYR A 344 13.26 -14.03 4.44
C TYR A 344 12.02 -13.53 3.70
N MET A 345 10.85 -13.76 4.30
CA MET A 345 9.58 -13.47 3.66
C MET A 345 9.13 -12.03 3.82
N ARG A 346 9.33 -11.44 5.00
CA ARG A 346 8.86 -10.08 5.29
C ARG A 346 9.91 -9.09 4.84
N THR A 347 9.75 -8.53 3.63
CA THR A 347 10.71 -7.59 3.08
C THR A 347 9.97 -6.51 2.30
N ASP A 348 10.25 -5.25 2.64
CA ASP A 348 9.79 -4.13 1.82
C ASP A 348 10.83 -3.69 0.79
N SER A 349 11.72 -4.60 0.39
CA SER A 349 12.78 -4.31 -0.57
C SER A 349 12.78 -5.34 -1.68
N THR A 350 13.05 -4.89 -2.90
CA THR A 350 13.10 -5.78 -4.06
C THR A 350 14.50 -5.83 -4.68
N THR A 351 15.51 -5.29 -4.00
CA THR A 351 16.87 -5.34 -4.51
C THR A 351 17.48 -6.72 -4.27
N LEU A 352 18.58 -6.98 -4.97
CA LEU A 352 19.30 -8.23 -4.87
C LEU A 352 20.75 -7.97 -4.50
N SER A 353 21.33 -8.88 -3.70
CA SER A 353 22.72 -8.76 -3.33
C SER A 353 23.61 -9.11 -4.53
N GLU A 354 24.90 -8.78 -4.41
CA GLU A 354 25.84 -9.13 -5.46
C GLU A 354 25.93 -10.64 -5.64
N SER A 355 25.96 -11.38 -4.52
CA SER A 355 25.96 -12.84 -4.60
C SER A 355 24.69 -13.35 -5.27
N ALA A 356 23.55 -12.68 -5.02
CA ALA A 356 22.31 -13.09 -5.65
C ALA A 356 22.24 -12.62 -7.10
N ILE A 357 22.71 -11.40 -7.38
CA ILE A 357 22.66 -10.88 -8.74
C ILE A 357 23.62 -11.65 -9.64
N ASN A 358 24.69 -12.22 -9.06
CA ASN A 358 25.63 -13.00 -9.85
C ASN A 358 25.15 -14.44 -10.02
N ALA A 359 24.57 -15.01 -8.97
CA ALA A 359 24.05 -16.38 -9.07
C ALA A 359 22.87 -16.44 -10.06
N ALA A 360 22.03 -15.41 -10.06
CA ALA A 360 20.90 -15.38 -11.00
C ALA A 360 21.39 -15.24 -12.43
N ARG A 361 22.38 -14.36 -12.66
CA ARG A 361 22.88 -14.16 -14.01
C ARG A 361 23.75 -15.33 -14.47
N THR A 362 24.49 -15.96 -13.56
CA THR A 362 25.30 -17.11 -13.92
C THR A 362 24.44 -18.32 -14.22
N GLN A 363 23.39 -18.54 -13.42
CA GLN A 363 22.48 -19.65 -13.68
C GLN A 363 21.72 -19.44 -14.98
N ALA A 364 21.24 -18.21 -15.22
CA ALA A 364 20.48 -17.94 -16.44
C ALA A 364 21.33 -18.15 -17.69
N ARG A 365 22.58 -17.68 -17.66
CA ARG A 365 23.45 -17.82 -18.82
C ARG A 365 23.75 -19.28 -19.11
N GLN A 366 24.04 -20.07 -18.07
CA GLN A 366 24.35 -21.48 -18.28
C GLN A 366 23.10 -22.29 -18.59
N LEU A 367 21.93 -21.85 -18.12
CA LEU A 367 20.71 -22.62 -18.34
C LEU A 367 20.20 -22.48 -19.77
N TYR A 368 20.10 -21.26 -20.28
CA TYR A 368 19.51 -21.03 -21.59
C TYR A 368 20.57 -20.76 -22.65
N GLY A 369 21.01 -19.51 -22.77
CA GLY A 369 21.99 -19.14 -23.77
C GLY A 369 22.84 -17.97 -23.31
N ASP A 370 23.73 -17.54 -24.20
CA ASP A 370 24.61 -16.42 -23.88
C ASP A 370 23.94 -15.07 -24.17
N GLU A 371 23.28 -14.96 -25.31
CA GLU A 371 22.56 -13.73 -25.66
C GLU A 371 21.26 -13.57 -24.90
N TYR A 372 20.90 -14.54 -24.05
CA TYR A 372 19.69 -14.47 -23.25
C TYR A 372 19.86 -13.69 -21.96
N VAL A 373 20.93 -12.90 -21.82
CA VAL A 373 21.18 -12.13 -20.61
C VAL A 373 21.40 -10.67 -20.98
N ALA A 374 21.22 -9.80 -19.99
CA ALA A 374 21.48 -8.38 -20.17
C ALA A 374 22.98 -8.12 -20.14
N PRO A 375 23.43 -7.06 -20.83
CA PRO A 375 24.87 -6.75 -20.82
C PRO A 375 25.41 -6.46 -19.43
N ALA A 376 24.66 -5.72 -18.62
CA ALA A 376 25.02 -5.43 -17.24
C ALA A 376 23.94 -5.95 -16.30
N PRO A 377 24.30 -6.34 -15.08
CA PRO A 377 23.28 -6.82 -14.14
C PRO A 377 22.21 -5.76 -13.90
N ARG A 378 20.98 -6.23 -13.73
CA ARG A 378 19.82 -5.37 -13.57
C ARG A 378 19.49 -5.23 -12.09
N GLN A 379 19.62 -4.02 -11.56
CA GLN A 379 19.35 -3.74 -10.15
C GLN A 379 17.99 -3.06 -10.01
N TYR A 380 17.14 -3.63 -9.17
CA TYR A 380 15.77 -3.14 -8.96
C TYR A 380 15.70 -2.52 -7.56
N THR A 381 15.88 -1.22 -7.48
CA THR A 381 15.86 -0.50 -6.22
C THR A 381 14.59 0.36 -6.12
N ARG A 382 14.08 0.49 -4.90
CA ARG A 382 12.87 1.26 -4.62
C ARG A 382 13.20 2.42 -3.69
N LYS A 383 12.16 3.04 -3.13
CA LYS A 383 12.32 4.25 -2.34
C LYS A 383 12.61 3.90 -0.88
N VAL A 384 12.70 4.94 -0.03
CA VAL A 384 13.14 4.87 1.36
C VAL A 384 14.55 4.28 1.39
N LYS A 385 15.43 4.81 0.54
CA LYS A 385 16.83 4.41 0.55
C LYS A 385 17.48 4.83 1.86
N GLN A 388 21.57 1.95 3.42
CA GLN A 388 21.42 0.57 2.97
C GLN A 388 20.24 -0.11 3.65
N GLU A 389 19.16 -0.33 2.90
CA GLU A 389 18.05 -1.10 3.40
C GLU A 389 18.50 -2.55 3.57
N ALA A 390 18.59 -3.00 4.83
CA ALA A 390 19.12 -4.32 5.14
C ALA A 390 18.30 -5.46 4.53
N HIS A 391 17.13 -5.15 3.97
CA HIS A 391 16.21 -6.17 3.49
C HIS A 391 16.48 -6.46 2.01
N GLU A 392 16.26 -7.71 1.62
CA GLU A 392 16.51 -8.17 0.27
C GLU A 392 15.29 -8.90 -0.26
N ALA A 393 15.12 -8.88 -1.58
CA ALA A 393 13.97 -9.49 -2.21
C ALA A 393 13.88 -10.99 -1.90
N ILE A 394 12.68 -11.52 -2.05
CA ILE A 394 12.44 -12.95 -1.85
C ILE A 394 13.02 -13.70 -3.05
N ARG A 395 14.06 -14.49 -2.83
CA ARG A 395 14.75 -15.19 -3.90
C ARG A 395 15.32 -16.48 -3.34
N PRO A 396 15.66 -17.44 -4.20
CA PRO A 396 16.23 -18.71 -3.71
C PRO A 396 17.52 -18.49 -2.94
N ALA A 397 17.77 -19.38 -1.98
CA ALA A 397 18.91 -19.26 -1.08
C ALA A 397 20.14 -19.93 -1.67
N GLY A 398 21.31 -19.49 -1.22
CA GLY A 398 22.58 -20.03 -1.64
C GLY A 398 23.24 -19.19 -2.70
N GLU A 399 24.57 -19.33 -2.79
CA GLU A 399 25.35 -18.64 -3.81
C GLU A 399 25.24 -19.30 -5.17
N THR A 400 24.63 -20.48 -5.25
CA THR A 400 24.34 -21.15 -6.52
C THR A 400 22.88 -21.58 -6.48
N PHE A 401 22.06 -20.99 -7.34
CA PHE A 401 20.63 -21.27 -7.33
C PHE A 401 20.36 -22.72 -7.71
N ALA A 402 19.25 -23.25 -7.20
CA ALA A 402 18.80 -24.59 -7.53
C ALA A 402 17.61 -24.50 -8.47
N THR A 403 17.67 -25.25 -9.58
CA THR A 403 16.56 -25.27 -10.51
C THR A 403 15.31 -25.84 -9.84
N PRO A 404 14.13 -25.43 -10.28
CA PRO A 404 12.91 -26.09 -9.77
C PRO A 404 12.88 -27.57 -10.06
N ASP A 405 13.47 -28.00 -11.19
CA ASP A 405 13.56 -29.42 -11.48
C ASP A 405 14.36 -30.15 -10.40
N ALA A 406 15.41 -29.50 -9.88
CA ALA A 406 16.24 -30.15 -8.87
C ALA A 406 15.49 -30.36 -7.55
N VAL A 407 14.53 -29.50 -7.24
CA VAL A 407 13.80 -29.60 -5.98
C VAL A 407 12.42 -30.24 -6.13
N ARG A 408 11.96 -30.45 -7.36
CA ARG A 408 10.70 -31.18 -7.55
C ARG A 408 10.83 -32.62 -7.05
N ARG A 409 11.99 -33.25 -7.31
CA ARG A 409 12.25 -34.57 -6.77
C ARG A 409 12.34 -34.57 -5.25
N GLU A 410 12.64 -33.41 -4.65
CA GLU A 410 12.71 -33.29 -3.20
C GLU A 410 11.44 -32.76 -2.56
N LEU A 411 10.59 -32.08 -3.34
CA LEU A 411 9.34 -31.51 -2.83
C LEU A 411 8.18 -32.12 -3.61
N ASP A 412 7.37 -32.92 -2.93
CA ASP A 412 6.27 -33.64 -3.54
C ASP A 412 5.39 -34.18 -2.40
N GLY A 413 4.26 -34.78 -2.78
CA GLY A 413 3.30 -35.29 -1.83
C GLY A 413 2.57 -34.16 -1.12
N PRO A 414 2.39 -34.29 0.19
CA PRO A 414 1.93 -33.16 0.99
C PRO A 414 2.82 -31.93 0.93
N ASN A 415 3.91 -31.95 0.16
CA ASN A 415 4.75 -30.78 -0.04
C ASN A 415 4.68 -30.23 -1.46
N ILE A 416 3.64 -30.59 -2.20
CA ILE A 416 3.47 -30.06 -3.56
C ILE A 416 3.22 -28.57 -3.52
N ASP A 417 2.39 -28.11 -2.58
CA ASP A 417 2.11 -26.68 -2.46
C ASP A 417 3.38 -25.89 -2.18
N ASP A 418 4.35 -26.49 -1.49
CA ASP A 418 5.61 -25.81 -1.23
C ASP A 418 6.42 -25.62 -2.51
N PHE A 419 6.43 -26.64 -3.38
CA PHE A 419 7.21 -26.54 -4.61
C PHE A 419 6.62 -25.52 -5.56
N ARG A 420 5.30 -25.33 -5.56
CA ARG A 420 4.69 -24.35 -6.45
C ARG A 420 5.13 -22.95 -6.11
N LEU A 421 5.25 -22.63 -4.81
CA LEU A 421 5.70 -21.30 -4.43
C LEU A 421 7.17 -21.10 -4.75
N TYR A 422 7.99 -22.14 -4.64
CA TYR A 422 9.41 -22.00 -4.95
C TYR A 422 9.62 -21.76 -6.43
N GLU A 423 8.98 -22.57 -7.28
CA GLU A 423 9.08 -22.35 -8.72
C GLU A 423 8.65 -20.94 -9.09
N LEU A 424 7.59 -20.44 -8.45
CA LEU A 424 7.16 -19.07 -8.67
C LEU A 424 8.23 -18.07 -8.25
N ILE A 425 8.90 -18.34 -7.12
CA ILE A 425 9.96 -17.45 -6.66
C ILE A 425 11.19 -17.58 -7.55
N TRP A 426 11.57 -18.82 -7.90
CA TRP A 426 12.74 -19.03 -8.74
C TRP A 426 12.54 -18.42 -10.12
N GLN A 427 11.32 -18.52 -10.66
CA GLN A 427 11.06 -18.05 -12.02
C GLN A 427 11.27 -16.54 -12.13
N ARG A 428 10.66 -15.78 -11.21
CA ARG A 428 10.79 -14.33 -11.25
C ARG A 428 12.19 -13.85 -10.89
N THR A 429 12.99 -14.68 -10.22
CA THR A 429 14.34 -14.27 -9.85
C THR A 429 15.31 -14.40 -11.03
N VAL A 430 15.20 -15.51 -11.77
CA VAL A 430 16.08 -15.71 -12.91
C VAL A 430 15.60 -14.90 -14.12
N ALA A 431 14.28 -14.75 -14.28
CA ALA A 431 13.75 -13.94 -15.37
C ALA A 431 14.07 -12.46 -15.20
N SER A 432 14.33 -12.02 -13.96
CA SER A 432 14.70 -10.64 -13.72
C SER A 432 16.12 -10.32 -14.16
N GLN A 433 16.86 -11.30 -14.71
CA GLN A 433 18.24 -11.10 -15.09
C GLN A 433 18.52 -11.49 -16.54
N MET A 434 17.48 -11.66 -17.34
CA MET A 434 17.66 -12.06 -18.73
C MET A 434 17.31 -10.89 -19.65
N ALA A 435 17.65 -11.05 -20.93
CA ALA A 435 17.55 -9.96 -21.90
C ALA A 435 16.09 -9.66 -22.25
N ASP A 436 15.82 -8.38 -22.50
CA ASP A 436 14.45 -7.91 -22.73
C ASP A 436 13.73 -8.75 -23.77
N ALA A 437 12.43 -8.97 -23.53
CA ALA A 437 11.57 -9.64 -24.50
C ALA A 437 11.25 -8.67 -25.64
N ARG A 438 11.63 -9.04 -26.86
CA ARG A 438 11.44 -8.19 -28.02
C ARG A 438 10.32 -8.74 -28.89
N GLY A 439 9.41 -7.87 -29.30
CA GLY A 439 8.34 -8.23 -30.21
C GLY A 439 8.20 -7.22 -31.31
N MET A 440 7.16 -7.36 -32.14
CA MET A 440 6.89 -6.42 -33.20
C MET A 440 5.38 -6.21 -33.30
N THR A 441 4.96 -4.95 -33.27
CA THR A 441 3.55 -4.62 -33.42
C THR A 441 3.29 -4.14 -34.84
N LEU A 442 2.15 -4.58 -35.40
CA LEU A 442 1.76 -4.24 -36.75
C LEU A 442 0.50 -3.38 -36.66
N SER A 443 0.62 -2.11 -37.04
CA SER A 443 -0.48 -1.16 -36.97
C SER A 443 -1.07 -1.02 -38.37
N LEU A 444 -2.06 -1.86 -38.67
CA LEU A 444 -2.75 -1.77 -39.95
C LEU A 444 -3.74 -0.61 -39.93
N ARG A 445 -4.16 -0.20 -41.13
CA ARG A 445 -5.15 0.85 -41.29
C ARG A 445 -6.11 0.43 -42.39
N ILE A 446 -7.31 0.03 -42.00
CA ILE A 446 -8.34 -0.43 -42.93
C ILE A 446 -9.11 0.76 -43.45
N THR A 447 -9.47 0.72 -44.73
CA THR A 447 -10.16 1.83 -45.40
C THR A 447 -11.50 1.37 -45.94
N GLY A 448 -12.43 2.32 -46.02
CA GLY A 448 -13.75 2.04 -46.54
C GLY A 448 -14.51 3.32 -46.77
N MET A 449 -15.52 3.24 -47.63
CA MET A 449 -16.35 4.38 -47.98
C MET A 449 -17.78 4.13 -47.55
N SER A 450 -18.57 5.22 -47.51
CA SER A 450 -19.98 5.12 -47.15
C SER A 450 -20.66 6.41 -47.61
N GLY A 451 -21.15 6.41 -48.84
CA GLY A 451 -21.83 7.57 -49.36
C GLY A 451 -20.88 8.73 -49.53
N HIS A 452 -21.32 9.91 -49.09
CA HIS A 452 -20.50 11.12 -49.17
C HIS A 452 -19.68 11.33 -47.90
N GLN A 453 -18.99 10.27 -47.47
CA GLN A 453 -18.18 10.34 -46.26
C GLN A 453 -17.16 9.21 -46.30
N GLU A 454 -15.87 9.57 -46.22
CA GLU A 454 -14.78 8.58 -46.29
C GLU A 454 -14.41 8.19 -44.86
N VAL A 455 -15.02 7.11 -44.37
CA VAL A 455 -14.76 6.65 -43.02
C VAL A 455 -13.40 5.95 -42.96
N VAL A 456 -12.85 5.87 -41.75
CA VAL A 456 -11.52 5.33 -41.52
C VAL A 456 -11.60 4.24 -40.44
N PHE A 457 -10.85 3.16 -40.65
CA PHE A 457 -10.75 2.07 -39.69
C PHE A 457 -9.29 1.80 -39.38
N SER A 458 -9.05 1.07 -38.30
CA SER A 458 -7.70 0.70 -37.90
C SER A 458 -7.78 -0.40 -36.84
N ALA A 459 -6.65 -1.08 -36.65
CA ALA A 459 -6.54 -2.14 -35.65
C ALA A 459 -5.08 -2.33 -35.30
N THR A 460 -4.84 -2.84 -34.09
CA THR A 460 -3.49 -3.05 -33.58
C THR A 460 -3.26 -4.53 -33.32
N GLY A 461 -2.10 -5.03 -33.75
CA GLY A 461 -1.72 -6.40 -33.49
C GLY A 461 -0.32 -6.46 -32.89
N ARG A 462 0.06 -7.66 -32.46
CA ARG A 462 1.36 -7.86 -31.84
C ARG A 462 1.69 -9.35 -31.82
N THR A 463 2.95 -9.67 -32.05
CA THR A 463 3.44 -11.04 -32.02
C THR A 463 4.81 -11.06 -31.39
N LEU A 464 5.13 -12.18 -30.72
CA LEU A 464 6.42 -12.32 -30.04
C LEU A 464 7.46 -12.78 -31.04
N THR A 465 8.47 -11.94 -31.28
CA THR A 465 9.56 -12.27 -32.17
C THR A 465 10.80 -12.79 -31.46
N PHE A 466 11.05 -12.32 -30.23
CA PHE A 466 12.17 -12.77 -29.43
C PHE A 466 11.66 -13.61 -28.26
N PRO A 467 12.25 -14.77 -28.02
CA PRO A 467 11.87 -15.56 -26.83
C PRO A 467 12.24 -14.85 -25.53
N GLY A 468 11.24 -14.31 -24.85
CA GLY A 468 11.48 -13.44 -23.71
C GLY A 468 11.68 -14.19 -22.41
N PHE A 469 11.52 -13.45 -21.31
CA PHE A 469 11.62 -14.03 -19.97
C PHE A 469 10.45 -14.95 -19.67
N LEU A 470 9.42 -14.94 -20.51
CA LEU A 470 8.21 -15.68 -20.21
C LEU A 470 8.42 -17.19 -20.34
N LYS A 471 9.52 -17.62 -20.97
CA LYS A 471 9.76 -19.05 -21.13
C LYS A 471 9.77 -19.74 -19.77
N ALA A 472 10.51 -19.17 -18.81
CA ALA A 472 10.47 -19.69 -17.44
C ALA A 472 9.13 -19.36 -16.79
N TYR A 473 8.81 -18.08 -16.67
CA TYR A 473 7.48 -17.65 -16.25
C TYR A 473 7.33 -16.16 -16.47
N VAL A 474 6.08 -15.72 -16.48
CA VAL A 474 5.74 -14.31 -16.63
C VAL A 474 4.27 -14.12 -16.27
N ARG A 491 -6.11 -17.51 -38.13
CA ARG A 491 -5.93 -17.36 -39.57
C ARG A 491 -4.50 -16.93 -39.90
N LEU A 492 -4.31 -15.63 -40.14
CA LEU A 492 -3.00 -15.11 -40.52
C LEU A 492 -3.00 -13.60 -40.36
N PRO A 493 -1.90 -13.01 -39.87
CA PRO A 493 -1.88 -11.56 -39.64
C PRO A 493 -1.05 -10.78 -40.66
N HIS A 494 -0.69 -11.42 -41.77
CA HIS A 494 0.15 -10.78 -42.78
C HIS A 494 -0.73 -10.10 -43.83
N LEU A 495 -0.41 -8.85 -44.15
CA LEU A 495 -1.22 -8.06 -45.07
C LEU A 495 -0.35 -7.02 -45.76
N THR A 496 -0.35 -7.04 -47.09
CA THR A 496 0.28 -6.02 -47.92
C THR A 496 -0.63 -4.80 -48.03
N PRO A 497 -0.08 -3.58 -47.95
CA PRO A 497 -0.92 -2.39 -48.03
C PRO A 497 -1.71 -2.33 -49.32
N GLY A 498 -3.04 -2.38 -49.18
CA GLY A 498 -3.93 -2.25 -50.32
C GLY A 498 -4.52 -3.57 -50.80
N GLN A 499 -4.94 -4.41 -49.87
CA GLN A 499 -5.53 -5.70 -50.20
C GLN A 499 -7.05 -5.62 -50.20
N ARG A 500 -7.69 -6.75 -50.49
CA ARG A 500 -9.15 -6.85 -50.51
C ARG A 500 -9.62 -7.61 -49.28
N LEU A 501 -10.55 -7.03 -48.55
CA LEU A 501 -11.12 -7.65 -47.36
C LEU A 501 -12.54 -7.15 -47.17
N ASP A 502 -13.50 -8.07 -47.28
CA ASP A 502 -14.90 -7.70 -47.14
C ASP A 502 -15.31 -7.65 -45.68
N ILE A 503 -16.39 -6.93 -45.40
CA ILE A 503 -16.92 -6.80 -44.05
C ILE A 503 -17.86 -7.98 -43.80
N VAL A 504 -17.54 -8.77 -42.77
CA VAL A 504 -18.35 -9.94 -42.44
C VAL A 504 -19.40 -9.60 -41.39
N GLU A 505 -18.99 -8.98 -40.29
CA GLU A 505 -19.89 -8.63 -39.20
C GLU A 505 -20.09 -7.12 -39.14
N LEU A 506 -21.03 -6.71 -38.28
CA LEU A 506 -21.33 -5.30 -38.07
C LEU A 506 -22.14 -5.18 -36.78
N THR A 507 -21.72 -4.26 -35.90
CA THR A 507 -22.38 -4.12 -34.61
C THR A 507 -22.21 -2.70 -34.08
N PRO A 508 -23.24 -2.14 -33.44
CA PRO A 508 -23.09 -0.83 -32.81
C PRO A 508 -22.41 -0.92 -31.45
N ASP A 509 -21.14 -0.54 -31.39
CA ASP A 509 -20.37 -0.65 -30.15
C ASP A 509 -20.86 0.36 -29.14
N GLY A 510 -21.53 -0.12 -28.09
CA GLY A 510 -22.02 0.74 -27.03
C GLY A 510 -20.95 0.96 -25.98
N HIS A 511 -20.73 2.22 -25.62
CA HIS A 511 -19.69 2.59 -24.67
C HIS A 511 -20.23 3.65 -23.72
N ALA A 512 -19.51 3.84 -22.61
CA ALA A 512 -19.84 4.84 -21.62
C ALA A 512 -18.63 5.05 -20.72
N THR A 513 -18.31 6.32 -20.45
CA THR A 513 -17.19 6.63 -19.57
C THR A 513 -17.52 6.25 -18.14
N ASN A 514 -16.53 5.72 -17.43
CA ASN A 514 -16.73 5.19 -16.09
C ASN A 514 -15.96 6.01 -15.06
N PRO A 515 -16.49 6.14 -13.85
CA PRO A 515 -15.78 6.85 -12.79
C PRO A 515 -14.51 6.10 -12.39
N PRO A 516 -13.57 6.78 -11.74
CA PRO A 516 -12.35 6.07 -11.31
C PRO A 516 -12.68 4.99 -10.29
N ALA A 517 -12.05 3.83 -10.46
CA ALA A 517 -12.36 2.68 -9.62
C ALA A 517 -11.96 2.94 -8.18
N ARG A 518 -12.65 2.26 -7.26
CA ARG A 518 -12.33 2.37 -5.85
C ARG A 518 -11.05 1.61 -5.54
N TYR A 519 -10.42 1.98 -4.42
CA TYR A 519 -9.23 1.28 -3.97
C TYR A 519 -9.58 -0.10 -3.44
N THR A 520 -8.69 -1.04 -3.68
CA THR A 520 -8.72 -2.34 -3.03
C THR A 520 -7.57 -2.42 -2.03
N GLU A 521 -7.55 -3.52 -1.27
CA GLU A 521 -6.45 -3.70 -0.32
C GLU A 521 -5.10 -3.68 -1.02
N ALA A 522 -5.01 -4.30 -2.20
CA ALA A 522 -3.76 -4.30 -2.95
C ALA A 522 -3.41 -2.89 -3.43
N SER A 523 -4.37 -2.21 -4.07
CA SER A 523 -4.08 -0.91 -4.64
C SER A 523 -3.90 0.18 -3.59
N LEU A 524 -4.54 0.02 -2.42
CA LEU A 524 -4.39 1.02 -1.37
C LEU A 524 -2.98 1.01 -0.79
N VAL A 525 -2.48 -0.18 -0.42
CA VAL A 525 -1.13 -0.26 0.12
C VAL A 525 -0.09 0.14 -0.91
N LYS A 526 -0.42 0.00 -2.20
CA LYS A 526 0.45 0.51 -3.25
C LYS A 526 0.52 2.04 -3.20
N ALA A 527 -0.64 2.69 -3.10
CA ALA A 527 -0.66 4.15 -2.94
C ALA A 527 0.06 4.58 -1.67
N LEU A 528 -0.08 3.80 -0.60
CA LEU A 528 0.65 4.11 0.63
C LEU A 528 2.14 3.89 0.45
N GLU A 529 2.53 2.88 -0.32
CA GLU A 529 3.95 2.62 -0.55
C GLU A 529 4.60 3.76 -1.33
N GLU A 530 3.95 4.21 -2.41
CA GLU A 530 4.52 5.30 -3.19
C GLU A 530 4.55 6.62 -2.44
N LEU A 531 3.75 6.75 -1.38
CA LEU A 531 3.77 7.94 -0.53
C LEU A 531 4.73 7.81 0.64
N GLY A 532 5.19 6.60 0.95
CA GLY A 532 6.03 6.36 2.10
C GLY A 532 5.28 6.14 3.40
N ILE A 533 3.97 5.91 3.33
CA ILE A 533 3.13 5.71 4.53
C ILE A 533 3.13 4.24 4.89
N GLY A 534 3.20 3.97 6.19
CA GLY A 534 3.01 2.63 6.71
C GLY A 534 4.20 1.71 6.49
N ARG A 535 4.10 0.54 7.09
CA ARG A 535 5.14 -0.48 7.08
C ARG A 535 4.51 -1.82 6.77
N PRO A 536 5.31 -2.80 6.30
CA PRO A 536 4.72 -4.11 5.96
C PRO A 536 3.98 -4.76 7.10
N SER A 537 4.44 -4.58 8.35
CA SER A 537 3.76 -5.18 9.49
C SER A 537 2.48 -4.45 9.86
N THR A 538 2.31 -3.20 9.44
CA THR A 538 1.13 -2.42 9.76
C THR A 538 0.16 -2.28 8.61
N TYR A 539 0.57 -2.65 7.39
CA TYR A 539 -0.34 -2.52 6.23
C TYR A 539 -1.60 -3.34 6.45
N SER A 540 -1.45 -4.63 6.76
CA SER A 540 -2.61 -5.46 7.05
C SER A 540 -3.36 -4.95 8.27
N SER A 541 -2.63 -4.50 9.30
CA SER A 541 -3.28 -4.04 10.52
C SER A 541 -4.04 -2.74 10.30
N ILE A 542 -3.50 -1.84 9.49
CA ILE A 542 -4.16 -0.56 9.28
C ILE A 542 -5.41 -0.70 8.45
N ILE A 543 -5.52 -1.77 7.64
CA ILE A 543 -6.76 -2.01 6.89
C ILE A 543 -7.85 -2.46 7.84
N LYS A 544 -7.51 -3.32 8.81
CA LYS A 544 -8.52 -3.80 9.75
C LYS A 544 -8.97 -2.69 10.70
N THR A 545 -8.04 -1.82 11.11
CA THR A 545 -8.39 -0.80 12.09
C THR A 545 -9.36 0.22 11.53
N ILE A 546 -9.19 0.62 10.27
CA ILE A 546 -10.10 1.58 9.66
C ILE A 546 -11.47 0.98 9.37
N GLN A 547 -11.60 -0.35 9.45
CA GLN A 547 -12.92 -0.97 9.40
C GLN A 547 -13.55 -1.10 10.77
N ASP A 548 -12.75 -1.29 11.82
CA ASP A 548 -13.29 -1.57 13.15
C ASP A 548 -14.11 -0.40 13.67
N ARG A 549 -13.58 0.82 13.54
CA ARG A 549 -14.30 2.02 13.95
C ARG A 549 -15.23 2.56 12.88
N GLY A 550 -15.50 1.78 11.84
CA GLY A 550 -16.48 2.18 10.84
C GLY A 550 -16.06 3.30 9.93
N TYR A 551 -14.76 3.43 9.64
CA TYR A 551 -14.33 4.39 8.65
C TYR A 551 -14.45 3.84 7.23
N VAL A 552 -14.22 2.54 7.06
CA VAL A 552 -14.24 1.91 5.74
C VAL A 552 -14.88 0.54 5.87
N HIS A 553 -15.87 0.26 5.02
CA HIS A 553 -16.42 -1.08 4.88
C HIS A 553 -16.08 -1.62 3.50
N LYS A 554 -16.10 -2.94 3.37
CA LYS A 554 -15.72 -3.61 2.13
C LYS A 554 -16.97 -4.06 1.37
N LYS A 555 -17.00 -3.77 0.08
CA LYS A 555 -18.00 -4.29 -0.85
C LYS A 555 -17.23 -5.10 -1.90
N GLY A 556 -17.24 -6.42 -1.75
CA GLY A 556 -16.39 -7.26 -2.58
C GLY A 556 -14.93 -7.02 -2.30
N SER A 557 -14.18 -6.55 -3.30
CA SER A 557 -12.79 -6.22 -3.12
C SER A 557 -12.54 -4.73 -2.95
N ALA A 558 -13.55 -3.89 -3.20
CA ALA A 558 -13.39 -2.45 -3.11
C ALA A 558 -13.60 -1.96 -1.68
N LEU A 559 -12.85 -0.93 -1.32
CA LEU A 559 -12.95 -0.30 -0.01
C LEU A 559 -13.87 0.92 -0.12
N VAL A 560 -14.96 0.90 0.60
CA VAL A 560 -15.98 1.94 0.55
C VAL A 560 -15.96 2.71 1.87
N PRO A 561 -15.80 4.03 1.85
CA PRO A 561 -15.80 4.80 3.09
C PRO A 561 -17.21 5.02 3.62
N SER A 562 -17.32 5.04 4.94
CA SER A 562 -18.58 5.37 5.58
C SER A 562 -18.76 6.89 5.61
N TRP A 563 -19.94 7.31 6.08
CA TRP A 563 -20.21 8.75 6.18
C TRP A 563 -19.39 9.40 7.27
N VAL A 564 -19.15 8.68 8.38
CA VAL A 564 -18.35 9.26 9.46
C VAL A 564 -16.92 9.48 9.00
N ALA A 565 -16.42 8.65 8.07
CA ALA A 565 -15.11 8.90 7.48
C ALA A 565 -15.10 10.23 6.74
N PHE A 566 -16.21 10.57 6.07
CA PHE A 566 -16.31 11.86 5.42
C PHE A 566 -16.25 13.00 6.42
N ALA A 567 -16.94 12.85 7.56
CA ALA A 567 -16.97 13.91 8.56
C ALA A 567 -15.62 14.07 9.24
N VAL A 568 -14.95 12.96 9.55
CA VAL A 568 -13.65 13.03 10.20
C VAL A 568 -12.61 13.60 9.25
N THR A 569 -12.61 13.13 8.00
CA THR A 569 -11.69 13.68 7.01
C THR A 569 -11.90 15.17 6.82
N GLY A 570 -13.17 15.60 6.75
CA GLY A 570 -13.44 17.02 6.59
C GLY A 570 -12.93 17.85 7.76
N LEU A 571 -13.10 17.34 8.99
CA LEU A 571 -12.53 18.03 10.15
C LEU A 571 -11.02 18.14 10.02
N LEU A 572 -10.35 17.01 9.78
CA LEU A 572 -8.89 17.00 9.77
C LEU A 572 -8.34 17.76 8.57
N GLU A 573 -9.10 17.87 7.49
CA GLU A 573 -8.63 18.62 6.32
C GLU A 573 -8.80 20.12 6.50
N GLN A 574 -9.83 20.56 7.21
CA GLN A 574 -10.11 21.99 7.37
C GLN A 574 -9.53 22.57 8.64
N HIS A 575 -8.98 21.75 9.54
CA HIS A 575 -8.47 22.26 10.81
C HIS A 575 -7.13 21.67 11.23
N PHE A 576 -6.81 20.44 10.84
CA PHE A 576 -5.50 19.83 11.08
C PHE A 576 -4.80 19.55 9.76
N GLY A 577 -4.87 20.52 8.83
CA GLY A 577 -4.42 20.28 7.47
C GLY A 577 -2.99 19.77 7.37
N ARG A 578 -2.15 20.14 8.33
CA ARG A 578 -0.75 19.71 8.29
C ARG A 578 -0.59 18.27 8.74
N LEU A 579 -1.38 17.84 9.72
CA LEU A 579 -1.26 16.48 10.22
C LEU A 579 -1.76 15.45 9.21
N VAL A 580 -2.68 15.85 8.33
CA VAL A 580 -3.26 14.93 7.35
C VAL A 580 -2.68 15.14 5.97
N ASP A 581 -1.72 16.04 5.82
CA ASP A 581 -1.03 16.22 4.55
C ASP A 581 -0.37 14.91 4.12
N TYR A 582 -0.48 14.61 2.81
CA TYR A 582 0.10 13.37 2.28
C TYR A 582 1.61 13.31 2.47
N ASP A 583 2.27 14.45 2.64
CA ASP A 583 3.71 14.54 2.77
C ASP A 583 4.18 14.52 4.21
N PHE A 584 3.26 14.46 5.18
CA PHE A 584 3.64 14.60 6.58
C PHE A 584 4.61 13.51 7.02
N THR A 585 4.33 12.26 6.66
CA THR A 585 5.20 11.16 7.08
C THR A 585 6.59 11.29 6.47
N ALA A 586 6.67 11.64 5.18
CA ALA A 586 7.97 11.80 4.53
C ALA A 586 8.79 12.89 5.20
N ALA A 587 8.17 14.06 5.44
CA ALA A 587 8.87 15.13 6.13
C ALA A 587 9.26 14.73 7.54
N MET A 588 8.44 13.91 8.21
CA MET A 588 8.81 13.38 9.51
C MET A 588 10.04 12.49 9.41
N GLU A 589 10.07 11.62 8.39
CA GLU A 589 11.21 10.71 8.23
C GLU A 589 12.50 11.47 7.99
N ASP A 590 12.43 12.54 7.19
CA ASP A 590 13.63 13.35 6.95
C ASP A 590 14.15 13.96 8.24
N GLU A 591 13.26 14.33 9.16
CA GLU A 591 13.68 14.87 10.44
C GLU A 591 14.18 13.77 11.37
N LEU A 592 13.64 12.56 11.26
CA LEU A 592 14.13 11.45 12.06
C LEU A 592 15.54 11.03 11.64
N ASP A 593 15.89 11.25 10.37
CA ASP A 593 17.25 10.97 9.94
C ASP A 593 18.25 11.83 10.69
N GLU A 594 17.91 13.10 10.93
CA GLU A 594 18.83 14.00 11.61
C GLU A 594 18.96 13.66 13.09
N ILE A 595 17.92 13.08 13.69
CA ILE A 595 18.02 12.68 15.08
C ILE A 595 18.93 11.45 15.22
N ALA A 596 18.80 10.50 14.29
CA ALA A 596 19.64 9.32 14.33
C ALA A 596 21.09 9.63 13.95
N ALA A 597 21.29 10.60 13.06
CA ALA A 597 22.63 10.99 12.64
C ALA A 597 23.37 11.79 13.70
N GLY A 598 22.68 12.21 14.76
CA GLY A 598 23.28 13.01 15.81
C GLY A 598 23.15 14.50 15.65
N ASN A 599 22.50 14.97 14.59
CA ASN A 599 22.38 16.39 14.31
C ASN A 599 21.21 17.05 15.02
N GLU A 600 20.42 16.30 15.77
CA GLU A 600 19.30 16.85 16.50
C GLU A 600 18.97 15.96 17.68
N ARG A 601 18.63 16.57 18.81
CA ARG A 601 18.25 15.83 20.00
C ARG A 601 16.76 15.50 19.98
N ARG A 602 16.41 14.41 20.66
CA ARG A 602 15.02 13.97 20.68
C ARG A 602 14.13 14.97 21.42
N THR A 603 14.61 15.50 22.55
CA THR A 603 13.79 16.41 23.35
C THR A 603 13.53 17.71 22.60
N ASN A 604 14.56 18.29 21.97
CA ASN A 604 14.38 19.56 21.28
C ASN A 604 13.38 19.44 20.14
N TRP A 605 13.41 18.33 19.41
CA TRP A 605 12.46 18.14 18.32
C TRP A 605 11.04 18.02 18.85
N LEU A 606 10.83 17.18 19.87
CA LEU A 606 9.50 17.02 20.44
C LEU A 606 9.00 18.33 21.04
N ASN A 607 9.87 19.07 21.72
CA ASN A 607 9.48 20.34 22.30
C ASN A 607 9.01 21.31 21.22
N ASN A 608 9.69 21.33 20.08
CA ASN A 608 9.25 22.17 18.98
C ASN A 608 7.94 21.67 18.39
N PHE A 609 7.81 20.35 18.19
CA PHE A 609 6.61 19.83 17.57
C PHE A 609 5.37 20.09 18.43
N TYR A 610 5.51 20.00 19.75
CA TYR A 610 4.36 20.05 20.64
C TYR A 610 4.08 21.47 21.13
N PHE A 611 5.11 22.19 21.56
CA PHE A 611 4.97 23.56 22.06
C PHE A 611 5.26 24.62 21.02
N GLY A 612 5.77 24.25 19.86
CA GLY A 612 6.15 25.26 18.87
C GLY A 612 7.61 25.65 19.00
N GLY A 613 8.21 25.98 17.86
CA GLY A 613 9.60 26.40 17.85
C GLY A 613 10.19 26.64 16.48
N ASP A 614 11.06 27.65 16.38
CA ASP A 614 11.79 27.94 15.15
C ASP A 614 13.21 27.42 15.15
N HIS A 615 13.76 27.12 16.32
CA HIS A 615 15.17 26.73 16.47
C HIS A 615 15.28 25.21 16.53
N GLY A 616 16.26 24.68 15.82
CA GLY A 616 16.40 23.26 15.58
C GLY A 616 16.04 22.91 14.15
N VAL A 617 15.86 21.61 13.91
CA VAL A 617 15.45 21.18 12.57
C VAL A 617 14.07 21.74 12.27
N PRO A 618 13.87 22.45 11.16
CA PRO A 618 12.58 23.10 10.92
C PRO A 618 11.47 22.08 10.72
N ASP A 619 10.35 22.32 11.38
CA ASP A 619 9.21 21.41 11.38
C ASP A 619 7.94 22.19 11.05
N SER A 620 7.03 21.54 10.31
CA SER A 620 5.84 22.21 9.82
C SER A 620 4.94 22.65 10.97
N VAL A 621 4.56 21.70 11.83
CA VAL A 621 3.67 22.02 12.94
C VAL A 621 4.38 22.91 13.96
N ALA A 622 5.70 22.76 14.10
CA ALA A 622 6.43 23.52 15.10
C ALA A 622 6.36 25.02 14.84
N ARG A 623 6.66 25.43 13.60
CA ARG A 623 6.66 26.85 13.27
C ARG A 623 5.28 27.47 13.34
N SER A 624 4.22 26.65 13.33
CA SER A 624 2.85 27.15 13.41
C SER A 624 2.33 27.21 14.84
N GLY A 625 3.15 26.92 15.84
CA GLY A 625 2.75 27.00 17.23
C GLY A 625 2.74 25.68 17.97
N GLY A 626 2.81 24.55 17.29
CA GLY A 626 2.86 23.26 17.95
C GLY A 626 1.53 22.53 17.93
N LEU A 627 1.57 21.29 18.39
CA LEU A 627 0.38 20.45 18.39
C LEU A 627 -0.59 20.84 19.51
N LYS A 628 -0.06 21.15 20.69
CA LYS A 628 -0.93 21.50 21.82
C LYS A 628 -1.75 22.76 21.51
N LYS A 629 -1.11 23.78 20.95
CA LYS A 629 -1.83 25.00 20.59
C LYS A 629 -2.83 24.75 19.48
N LEU A 630 -2.55 23.80 18.58
CA LEU A 630 -3.46 23.51 17.49
C LEU A 630 -4.67 22.70 17.96
N VAL A 631 -4.46 21.70 18.82
CA VAL A 631 -5.61 20.97 19.37
C VAL A 631 -6.37 21.84 20.37
N GLY A 632 -5.67 22.77 21.04
CA GLY A 632 -6.36 23.65 21.96
C GLY A 632 -7.32 24.59 21.25
N ILE A 633 -6.86 25.18 20.14
CA ILE A 633 -7.69 26.11 19.39
C ILE A 633 -8.86 25.37 18.74
N ASN A 634 -8.61 24.16 18.24
CA ASN A 634 -9.66 23.41 17.55
C ASN A 634 -10.72 22.90 18.51
N LEU A 635 -10.33 22.55 19.74
CA LEU A 635 -11.31 22.14 20.74
C LEU A 635 -12.26 23.27 21.10
N GLU A 636 -11.84 24.53 20.90
CA GLU A 636 -12.63 25.68 21.30
C GLU A 636 -13.31 26.39 20.13
N GLY A 637 -12.79 26.25 18.91
CA GLY A 637 -13.29 27.01 17.79
C GLY A 637 -14.07 26.22 16.75
N ILE A 638 -14.05 24.89 16.84
CA ILE A 638 -14.76 24.07 15.88
C ILE A 638 -16.23 24.01 16.24
N ASP A 639 -17.09 24.33 15.28
CA ASP A 639 -18.54 24.26 15.45
C ASP A 639 -18.97 22.83 15.14
N ALA A 640 -19.29 22.07 16.19
CA ALA A 640 -19.62 20.66 16.02
C ALA A 640 -20.87 20.47 15.18
N ARG A 641 -21.82 21.40 15.27
CA ARG A 641 -23.02 21.30 14.44
C ARG A 641 -22.72 21.52 12.96
N GLU A 642 -21.51 21.96 12.62
CA GLU A 642 -21.12 22.16 11.24
C GLU A 642 -20.22 21.05 10.70
N VAL A 643 -19.39 20.44 11.55
CA VAL A 643 -18.48 19.41 11.07
C VAL A 643 -19.16 18.05 10.90
N ASN A 644 -20.32 17.83 11.54
CA ASN A 644 -21.03 16.57 11.41
C ASN A 644 -22.15 16.62 10.39
N SER A 645 -22.21 17.68 9.59
CA SER A 645 -23.22 17.83 8.54
C SER A 645 -22.49 17.84 7.19
N ILE A 646 -22.56 16.72 6.48
CA ILE A 646 -21.86 16.56 5.21
C ILE A 646 -22.75 17.09 4.09
N LYS A 647 -22.32 18.18 3.47
CA LYS A 647 -23.07 18.79 2.38
C LYS A 647 -22.89 17.99 1.10
N LEU A 648 -24.00 17.69 0.42
CA LEU A 648 -23.97 16.95 -0.85
C LEU A 648 -24.38 17.84 -2.00
N PHE A 649 -25.64 18.27 -2.06
CA PHE A 649 -26.16 19.05 -3.18
C PHE A 649 -27.44 19.73 -2.74
N ASP A 650 -28.03 20.50 -3.66
CA ASP A 650 -29.33 21.10 -3.47
C ASP A 650 -30.32 20.46 -4.43
N ASP A 651 -31.59 20.45 -4.05
CA ASP A 651 -32.63 19.86 -4.88
C ASP A 651 -33.18 20.95 -5.82
N THR A 652 -34.37 20.71 -6.40
CA THR A 652 -34.92 21.64 -7.38
C THR A 652 -35.40 22.94 -6.74
N HIS A 653 -35.79 22.90 -5.47
CA HIS A 653 -36.16 24.11 -4.74
C HIS A 653 -34.94 24.90 -4.28
N GLY A 654 -33.74 24.48 -4.66
CA GLY A 654 -32.53 25.21 -4.30
C GLY A 654 -32.19 25.17 -2.82
N ARG A 655 -32.52 24.06 -2.15
CA ARG A 655 -32.25 24.00 -0.72
C ARG A 655 -31.29 22.86 -0.40
N PRO A 656 -30.36 23.08 0.53
CA PRO A 656 -29.31 22.10 0.77
C PRO A 656 -29.80 20.83 1.43
N ILE A 657 -29.16 19.72 1.07
CA ILE A 657 -29.41 18.40 1.66
C ILE A 657 -28.11 17.94 2.29
N TYR A 658 -28.19 17.55 3.57
CA TYR A 658 -27.01 17.16 4.33
C TYR A 658 -27.06 15.69 4.70
N VAL A 659 -25.88 15.17 5.04
CA VAL A 659 -25.74 13.87 5.70
C VAL A 659 -25.20 14.15 7.10
N ARG A 660 -26.00 13.85 8.11
CA ARG A 660 -25.62 14.11 9.50
C ARG A 660 -25.20 12.82 10.18
N VAL A 661 -24.09 12.88 10.91
CA VAL A 661 -23.54 11.73 11.61
C VAL A 661 -24.13 11.74 13.02
N GLY A 662 -25.19 10.95 13.23
CA GLY A 662 -25.86 10.87 14.49
C GLY A 662 -25.36 9.70 15.33
N LYS A 663 -25.98 9.56 16.51
CA LYS A 663 -25.56 8.56 17.47
C LYS A 663 -25.98 7.16 17.04
N ASN A 664 -26.97 7.07 16.15
CA ASN A 664 -27.47 5.81 15.62
C ASN A 664 -27.18 5.72 14.13
N GLY A 665 -25.97 6.09 13.73
CA GLY A 665 -25.55 6.03 12.35
C GLY A 665 -25.88 7.30 11.59
N PRO A 666 -25.55 7.33 10.31
CA PRO A 666 -25.85 8.51 9.49
C PRO A 666 -27.30 8.54 9.06
N TYR A 667 -27.81 9.77 8.88
CA TYR A 667 -29.17 9.97 8.40
C TYR A 667 -29.21 11.19 7.50
N LEU A 668 -30.01 11.11 6.44
CA LEU A 668 -30.15 12.19 5.48
C LEU A 668 -31.16 13.21 6.00
N GLU A 669 -30.76 14.48 6.03
CA GLU A 669 -31.62 15.53 6.56
C GLU A 669 -31.71 16.69 5.57
N ARG A 670 -32.87 17.35 5.58
CA ARG A 670 -33.15 18.49 4.73
C ARG A 670 -34.14 19.40 5.43
N LEU A 671 -33.98 20.71 5.27
CA LEU A 671 -34.82 21.72 5.89
C LEU A 671 -35.81 22.29 4.89
N VAL A 672 -37.11 22.20 5.22
CA VAL A 672 -38.22 22.47 4.31
C VAL A 672 -39.32 23.17 5.11
N ALA A 673 -40.13 23.99 4.45
CA ALA A 673 -41.27 24.61 5.12
C ALA A 673 -42.36 23.56 5.36
N GLY A 674 -42.96 23.62 6.54
CA GLY A 674 -43.98 22.69 6.94
C GLY A 674 -45.38 23.26 6.80
N ASP A 675 -46.32 22.66 7.54
CA ASP A 675 -47.72 23.07 7.53
C ASP A 675 -47.83 24.56 7.81
N THR A 676 -47.44 24.98 9.01
CA THR A 676 -47.14 26.38 9.24
C THR A 676 -45.84 26.72 8.52
N GLY A 677 -45.79 27.92 7.95
CA GLY A 677 -44.68 28.34 7.12
C GLY A 677 -43.38 28.56 7.87
N GLU A 678 -42.86 27.51 8.48
CA GLU A 678 -41.67 27.55 9.31
C GLU A 678 -40.74 26.40 8.94
N PRO A 679 -39.43 26.51 9.26
CA PRO A 679 -38.48 25.51 8.74
C PRO A 679 -38.41 24.24 9.59
N THR A 680 -39.56 23.55 9.70
CA THR A 680 -39.59 22.23 10.33
C THR A 680 -39.02 21.20 9.35
N PRO A 681 -38.18 20.25 9.81
CA PRO A 681 -37.25 19.59 8.88
C PRO A 681 -37.62 18.16 8.44
N GLN A 682 -36.89 17.62 7.46
CA GLN A 682 -37.17 16.29 6.90
C GLN A 682 -35.95 15.40 7.01
N ARG A 683 -36.14 14.21 7.58
CA ARG A 683 -35.07 13.24 7.79
C ARG A 683 -35.47 11.85 7.32
N ALA A 684 -34.48 11.06 6.94
CA ALA A 684 -34.67 9.67 6.53
C ALA A 684 -33.40 8.88 6.86
N ASN A 685 -33.54 7.85 7.68
CA ASN A 685 -32.38 7.09 8.14
C ASN A 685 -31.64 6.46 6.97
N LEU A 686 -30.32 6.59 6.97
CA LEU A 686 -29.48 6.23 5.84
C LEU A 686 -28.87 4.85 6.11
N SER A 687 -29.33 3.85 5.38
CA SER A 687 -28.77 2.51 5.47
C SER A 687 -27.47 2.43 4.66
N ASP A 688 -26.57 1.56 5.11
CA ASP A 688 -25.28 1.38 4.44
C ASP A 688 -25.39 0.61 3.13
N SER A 689 -26.60 0.19 2.74
CA SER A 689 -26.77 -0.57 1.51
C SER A 689 -26.50 0.25 0.26
N ILE A 690 -26.37 1.57 0.38
CA ILE A 690 -26.06 2.44 -0.75
C ILE A 690 -24.80 3.22 -0.42
N THR A 691 -23.80 3.12 -1.30
CA THR A 691 -22.53 3.80 -1.10
C THR A 691 -22.70 5.31 -1.27
N PRO A 692 -21.73 6.10 -0.80
CA PRO A 692 -21.86 7.57 -0.95
C PRO A 692 -22.11 8.05 -2.37
N ASP A 693 -21.41 7.49 -3.37
CA ASP A 693 -21.62 7.95 -4.74
C ASP A 693 -22.97 7.54 -5.30
N GLU A 694 -23.57 6.47 -4.76
CA GLU A 694 -24.89 6.05 -5.20
C GLU A 694 -26.01 6.96 -4.70
N LEU A 695 -25.72 7.84 -3.74
CA LEU A 695 -26.75 8.69 -3.13
C LEU A 695 -26.93 9.94 -4.01
N THR A 696 -27.70 9.77 -5.07
CA THR A 696 -28.03 10.86 -5.97
C THR A 696 -29.27 11.60 -5.47
N LEU A 697 -29.73 12.57 -6.26
CA LEU A 697 -30.91 13.34 -5.87
C LEU A 697 -32.16 12.48 -5.84
N GLN A 698 -32.27 11.49 -6.73
CA GLN A 698 -33.45 10.63 -6.75
C GLN A 698 -33.57 9.85 -5.44
N VAL A 699 -32.59 9.00 -5.16
CA VAL A 699 -32.66 8.17 -3.95
C VAL A 699 -32.76 9.04 -2.70
N ALA A 700 -32.18 10.24 -2.74
CA ALA A 700 -32.42 11.20 -1.67
C ALA A 700 -33.91 11.53 -1.54
N GLU A 701 -34.59 11.74 -2.67
CA GLU A 701 -36.02 12.01 -2.65
C GLU A 701 -36.83 10.75 -2.43
N GLU A 702 -36.31 9.59 -2.84
CA GLU A 702 -37.02 8.33 -2.60
C GLU A 702 -37.04 7.98 -1.12
N LEU A 703 -35.93 8.26 -0.42
CA LEU A 703 -35.91 8.05 1.03
C LEU A 703 -36.80 9.06 1.74
N PHE A 704 -36.85 10.30 1.23
CA PHE A 704 -37.73 11.30 1.82
C PHE A 704 -39.19 11.02 1.49
N ALA A 705 -39.46 10.33 0.38
CA ALA A 705 -40.81 9.94 0.04
C ALA A 705 -41.26 8.68 0.77
N THR A 706 -40.34 7.97 1.42
CA THR A 706 -40.68 6.76 2.15
C THR A 706 -41.48 7.09 3.41
C1 GOL E . -5.44 21.00 25.40
O1 GOL E . -4.44 21.59 24.62
C2 GOL E . -5.21 19.47 25.37
O2 GOL E . -3.87 19.15 25.53
C3 GOL E . -6.09 18.91 26.50
O3 GOL E . -5.60 17.64 26.82
C ACT F . 15.67 -28.00 14.06
O ACT F . 16.08 -29.01 13.42
OXT ACT F . 15.62 -27.81 15.31
CH3 ACT F . 15.18 -26.80 13.18
C ACT G . 29.66 -21.27 14.19
O ACT G . 28.94 -22.22 13.77
OXT ACT G . 30.34 -21.20 15.25
CH3 ACT G . 29.70 -19.99 13.30
C ACT H . 0.65 -1.83 26.02
O ACT H . 1.83 -2.27 26.03
OXT ACT H . -0.06 -1.44 27.01
CH3 ACT H . -0.05 -1.72 24.62
C ACT I . -4.44 23.55 9.77
O ACT I . -5.27 23.14 8.90
OXT ACT I . -3.36 23.01 10.14
CH3 ACT I . -4.79 24.90 10.47
P PO4 J . 11.47 10.57 -27.55
O1 PO4 J . 11.65 11.30 -28.85
O2 PO4 J . 12.57 9.54 -27.39
O3 PO4 J . 10.13 9.87 -27.54
O4 PO4 J . 11.54 11.55 -26.39
P PO4 K . 8.76 1.50 -23.58
O1 PO4 K . 7.50 0.69 -23.76
O2 PO4 K . 8.93 2.43 -24.77
O3 PO4 K . 9.94 0.58 -23.48
O4 PO4 K . 8.64 2.32 -22.31
P PO4 L . 12.38 2.43 -28.87
O1 PO4 L . 11.79 1.77 -30.09
O2 PO4 L . 13.17 3.64 -29.28
O3 PO4 L . 11.28 2.84 -27.92
O4 PO4 L . 13.30 1.44 -28.16
P PO4 M . -2.05 5.49 -28.96
O1 PO4 M . -2.79 5.79 -30.24
O2 PO4 M . -1.76 4.00 -28.89
O3 PO4 M . -2.90 5.90 -27.78
O4 PO4 M . -0.75 6.25 -28.95
P PO4 N . 1.63 2.99 -26.05
O1 PO4 N . 0.92 2.04 -26.98
O2 PO4 N . 2.69 3.74 -26.81
O3 PO4 N . 0.63 3.97 -25.47
O4 PO4 N . 2.27 2.21 -24.92
P PO4 O . 5.57 14.20 -25.23
O1 PO4 O . 4.66 14.11 -26.44
O2 PO4 O . 5.19 13.13 -24.24
O3 PO4 O . 5.42 15.56 -24.58
O4 PO4 O . 7.00 14.01 -25.66
P PO4 P . 5.81 6.35 -21.76
O1 PO4 P . 4.33 6.51 -22.04
O2 PO4 P . 6.48 7.71 -21.84
O3 PO4 P . 6.42 5.43 -22.79
O4 PO4 P . 6.01 5.77 -20.38
P PO4 Q . 1.00 8.73 -26.21
O1 PO4 Q . 1.12 7.55 -27.14
O2 PO4 Q . 0.04 9.73 -26.80
O3 PO4 Q . 0.49 8.27 -24.87
O4 PO4 Q . 2.36 9.37 -26.04
#